data_5HQB
#
_entry.id   5HQB
#
_cell.length_a   119.167
_cell.length_b   119.167
_cell.length_c   181.832
_cell.angle_alpha   90.000
_cell.angle_beta   90.000
_cell.angle_gamma   120.000
#
_symmetry.space_group_name_H-M   'P 32 2 1'
#
loop_
_entity.id
_entity.type
_entity.pdbx_description
1 polymer Alpha-glucosidase
2 branched alpha-D-glucopyranose-(1-6)-alpha-D-glucopyranose-(1-4)-alpha-D-glucopyranose
3 non-polymer 'CALCIUM ION'
4 non-polymer 'CHLORIDE ION'
5 non-polymer 'MAGNESIUM ION'
6 non-polymer GLYCEROL
7 non-polymer 'FORMIC ACID'
8 non-polymer 'UNKNOWN ATOM OR ION'
9 water water
#
_entity_poly.entity_id   1
_entity_poly.type   'polypeptide(L)'
_entity_poly.pdbx_seq_one_letter_code
;ATVQSPDGNIKIIISDEQSTPSYSISFKNKTVINNSALGFEFKQHAPFSNSFKITKVQQQSTNTQWQQPWGERQTVVDQH
NEVTVTFAKPQPQGGTYSVRFKAFDSGVGFRYEVPKQAGLNNIEITKELTEFAVNNSHTATAWWIPARGWNRYEYVYNTT
PLNDAALVHTPFTFKNQDGVHISIHEAALVDYAAMVLNQRRPGVFQADLTPWSSGVAVKKQGAFNTPWRTIQIGEKAVDL
VNSDIILNLNEPNKLGDVSWVKPGKYIGIWWGMHINTHTWGSGDKHGATTKNTKYYMDFAAKYGFDGVLVEGWNTGWDGD
WFFNGDVFSFTQPYDDFDIAALTKYSKQTGVQLIGHHETSGNVSNYRKQMADAFALYEKSNVSQVKTGYVADGGNIKRID
KNGIARHEWHDGQFMVNEYLHNVKLAAKHKISINTHEPIKDTGLRRTYPNWITREGARGQQFNAWGTPPNPPEHISMLAF
TRMLAGPMDFTPGIFDLSFNGLGANTNRPQTTLAKQLALYVVLYSPIQMAADLPKNYLAKPDAFQFIQDVPTDWQQSIAL
DGAVGDFIVFARKERKRDKYTGNDWYLGAVTDEQARTIEISLDFLDNGKQFEAHIYKDGKNAEWKNNPYDLTIEKRLVTA
SDKLTLKLATSGGTAIRFKALLEHHHHHH
;
_entity_poly.pdbx_strand_id   A
#
# COMPACT_ATOMS: atom_id res chain seq x y z
N ALA A 1 -5.88 -34.09 2.16
CA ALA A 1 -7.05 -33.24 2.13
C ALA A 1 -6.97 -32.31 0.94
N THR A 2 -8.12 -31.96 0.34
CA THR A 2 -8.14 -31.10 -0.83
C THR A 2 -9.23 -30.05 -0.67
N VAL A 3 -8.93 -28.82 -1.07
CA VAL A 3 -9.95 -27.78 -1.21
C VAL A 3 -9.70 -27.07 -2.54
N GLN A 4 -10.78 -26.59 -3.15
CA GLN A 4 -10.69 -25.97 -4.47
C GLN A 4 -11.41 -24.64 -4.48
N SER A 5 -10.99 -23.76 -5.39
CA SER A 5 -11.73 -22.53 -5.60
C SER A 5 -13.15 -22.85 -6.08
N PRO A 6 -14.07 -21.89 -5.94
CA PRO A 6 -15.43 -22.12 -6.45
C PRO A 6 -15.49 -22.54 -7.92
N ASP A 7 -14.64 -21.96 -8.78
CA ASP A 7 -14.66 -22.35 -10.18
C ASP A 7 -13.82 -23.60 -10.48
N GLY A 8 -13.16 -24.17 -9.47
CA GLY A 8 -12.39 -25.39 -9.63
C GLY A 8 -10.98 -25.22 -10.18
N ASN A 9 -10.59 -24.02 -10.64
CA ASN A 9 -9.32 -23.89 -11.31
C ASN A 9 -8.13 -23.93 -10.35
N ILE A 10 -8.30 -23.52 -9.10
CA ILE A 10 -7.25 -23.59 -8.10
C ILE A 10 -7.56 -24.75 -7.17
N LYS A 11 -6.59 -25.65 -7.01
CA LYS A 11 -6.77 -26.84 -6.18
C LYS A 11 -5.59 -26.93 -5.23
N ILE A 12 -5.88 -27.03 -3.93
CA ILE A 12 -4.86 -27.15 -2.89
C ILE A 12 -4.95 -28.56 -2.32
N ILE A 13 -3.82 -29.25 -2.25
CA ILE A 13 -3.75 -30.55 -1.62
C ILE A 13 -2.88 -30.42 -0.37
N ILE A 14 -3.43 -30.81 0.77
CA ILE A 14 -2.73 -30.75 2.04
C ILE A 14 -2.39 -32.18 2.44
N SER A 15 -1.13 -32.44 2.77
CA SER A 15 -0.62 -33.79 2.90
C SER A 15 0.14 -33.96 4.21
N ASP A 16 0.24 -35.21 4.68
CA ASP A 16 1.11 -35.53 5.81
C ASP A 16 2.10 -36.64 5.48
N GLU A 17 2.36 -36.86 4.18
CA GLU A 17 3.26 -37.93 3.75
C GLU A 17 4.72 -37.51 3.74
N GLN A 18 4.99 -36.21 3.60
CA GLN A 18 6.35 -35.69 3.58
C GLN A 18 6.89 -35.61 5.01
N SER A 19 8.12 -35.10 5.15
CA SER A 19 8.74 -35.08 6.47
C SER A 19 7.90 -34.31 7.46
N THR A 20 7.37 -33.15 7.03
CA THR A 20 6.38 -32.40 7.78
C THR A 20 5.04 -32.44 7.04
N PRO A 21 3.97 -31.96 7.68
CA PRO A 21 2.80 -31.52 6.93
C PRO A 21 3.24 -30.63 5.77
N SER A 22 2.47 -30.65 4.69
CA SER A 22 2.85 -29.88 3.51
C SER A 22 1.60 -29.58 2.69
N TYR A 23 1.73 -28.63 1.78
CA TYR A 23 0.66 -28.35 0.83
C TYR A 23 1.26 -28.14 -0.56
N SER A 24 0.42 -28.31 -1.58
CA SER A 24 0.79 -28.00 -2.95
C SER A 24 -0.43 -27.42 -3.64
N ILE A 25 -0.21 -26.72 -4.76
CA ILE A 25 -1.30 -26.03 -5.45
C ILE A 25 -1.16 -26.22 -6.95
N SER A 26 -2.27 -26.55 -7.60
CA SER A 26 -2.33 -26.56 -9.05
C SER A 26 -3.25 -25.46 -9.54
N PHE A 27 -2.99 -24.98 -10.75
CA PHE A 27 -3.85 -24.01 -11.43
C PHE A 27 -4.18 -24.59 -12.78
N LYS A 28 -5.47 -24.77 -13.06
CA LYS A 28 -5.93 -25.44 -14.27
C LYS A 28 -5.20 -26.77 -14.47
N ASN A 29 -5.06 -27.51 -13.37
CA ASN A 29 -4.50 -28.87 -13.33
C ASN A 29 -3.03 -28.92 -13.72
N LYS A 30 -2.31 -27.82 -13.61
CA LYS A 30 -0.85 -27.84 -13.68
C LYS A 30 -0.31 -27.37 -12.33
N THR A 31 0.60 -28.16 -11.76
CA THR A 31 1.18 -27.77 -10.47
C THR A 31 1.94 -26.45 -10.59
N VAL A 32 1.59 -25.48 -9.76
CA VAL A 32 2.33 -24.23 -9.71
C VAL A 32 3.10 -24.07 -8.42
N ILE A 33 2.64 -24.65 -7.32
CA ILE A 33 3.37 -24.67 -6.05
C ILE A 33 3.58 -26.13 -5.69
N ASN A 34 4.84 -26.57 -5.66
CA ASN A 34 5.19 -27.93 -5.28
C ASN A 34 5.02 -28.12 -3.78
N ASN A 35 5.21 -29.36 -3.30
CA ASN A 35 5.17 -29.67 -1.87
C ASN A 35 5.92 -28.62 -1.07
N SER A 36 5.22 -27.99 -0.12
CA SER A 36 5.74 -26.87 0.66
C SER A 36 5.50 -27.14 2.14
N ALA A 37 6.56 -27.02 2.94
CA ALA A 37 6.48 -27.44 4.34
C ALA A 37 5.64 -26.48 5.18
N LEU A 38 5.20 -26.98 6.34
CA LEU A 38 4.44 -26.23 7.34
C LEU A 38 5.00 -26.56 8.72
N GLY A 39 5.03 -25.58 9.62
CA GLY A 39 5.41 -25.85 11.00
C GLY A 39 6.11 -24.67 11.65
N PHE A 40 6.68 -24.95 12.85
CA PHE A 40 7.34 -23.94 13.67
C PHE A 40 8.53 -24.52 14.40
N GLU A 41 9.53 -23.68 14.63
CA GLU A 41 10.55 -23.90 15.65
C GLU A 41 10.45 -22.81 16.70
N PHE A 42 10.75 -23.16 17.95
CA PHE A 42 10.64 -22.27 19.09
C PHE A 42 11.99 -22.19 19.78
N LYS A 43 12.16 -21.14 20.60
CA LYS A 43 13.42 -20.99 21.34
C LYS A 43 13.60 -22.13 22.33
N GLN A 44 12.56 -22.49 23.07
CA GLN A 44 12.66 -23.54 24.07
C GLN A 44 11.69 -24.67 23.85
N HIS A 45 10.45 -24.38 23.47
CA HIS A 45 9.46 -25.41 23.22
C HIS A 45 9.94 -26.36 22.12
N ALA A 46 9.53 -27.62 22.22
CA ALA A 46 9.86 -28.58 21.17
C ALA A 46 9.21 -28.17 19.85
N PRO A 47 9.82 -28.51 18.71
CA PRO A 47 9.31 -27.98 17.43
C PRO A 47 8.01 -28.65 17.00
N PHE A 48 7.26 -27.92 16.18
CA PHE A 48 6.11 -28.46 15.44
C PHE A 48 6.61 -28.71 14.02
N SER A 49 7.19 -29.88 13.78
CA SER A 49 7.79 -30.13 12.47
C SER A 49 7.40 -31.51 11.97
N ASN A 50 8.27 -32.50 12.12
CA ASN A 50 7.95 -33.81 11.59
C ASN A 50 7.05 -34.60 12.55
N SER A 51 6.51 -35.71 12.03
CA SER A 51 5.73 -36.72 12.74
C SER A 51 4.31 -36.28 13.04
N PHE A 52 3.85 -35.17 12.47
CA PHE A 52 2.46 -34.74 12.58
C PHE A 52 1.64 -35.40 11.48
N LYS A 53 0.47 -35.96 11.85
CA LYS A 53 -0.43 -36.60 10.91
C LYS A 53 -1.78 -35.91 10.95
N ILE A 54 -2.46 -35.92 9.81
CA ILE A 54 -3.80 -35.34 9.72
C ILE A 54 -4.78 -36.23 10.47
N THR A 55 -5.55 -35.62 11.39
CA THR A 55 -6.57 -36.36 12.11
C THR A 55 -7.99 -35.97 11.72
N LYS A 56 -8.19 -34.79 11.15
CA LYS A 56 -9.53 -34.27 10.94
C LYS A 56 -9.48 -33.20 9.86
N VAL A 57 -10.48 -33.18 8.99
CA VAL A 57 -10.67 -32.09 8.04
C VAL A 57 -12.11 -31.61 8.17
N GLN A 58 -12.29 -30.29 8.15
CA GLN A 58 -13.61 -29.68 8.26
C GLN A 58 -13.81 -28.74 7.08
N GLN A 59 -14.82 -29.02 6.26
CA GLN A 59 -15.10 -28.25 5.05
C GLN A 59 -16.25 -27.30 5.31
N GLN A 60 -16.10 -26.05 4.87
CA GLN A 60 -17.15 -25.04 4.89
C GLN A 60 -17.01 -24.18 3.65
N SER A 61 -17.93 -23.24 3.48
CA SER A 61 -17.86 -22.36 2.31
C SER A 61 -18.58 -21.06 2.63
N THR A 62 -18.30 -20.05 1.80
CA THR A 62 -18.84 -18.71 1.99
C THR A 62 -19.29 -18.16 0.65
N ASN A 63 -20.44 -17.49 0.64
CA ASN A 63 -20.89 -16.79 -0.57
C ASN A 63 -21.66 -15.57 -0.08
N THR A 64 -20.94 -14.47 0.13
CA THR A 64 -21.54 -13.30 0.77
C THR A 64 -20.91 -12.05 0.18
N GLN A 65 -21.40 -10.89 0.63
CA GLN A 65 -20.82 -9.63 0.19
C GLN A 65 -20.96 -8.63 1.33
N TRP A 66 -20.11 -7.60 1.29
CA TRP A 66 -20.13 -6.59 2.35
C TRP A 66 -19.76 -5.25 1.73
N GLN A 67 -20.07 -4.17 2.45
CA GLN A 67 -19.89 -2.84 1.91
C GLN A 67 -18.75 -2.11 2.62
N GLN A 68 -17.88 -1.44 1.82
CA GLN A 68 -16.80 -0.66 2.41
C GLN A 68 -17.28 0.75 2.76
N PRO A 69 -16.80 1.35 3.85
CA PRO A 69 -17.12 2.76 4.11
C PRO A 69 -16.48 3.69 3.11
N TRP A 70 -15.31 3.32 2.61
CA TRP A 70 -14.56 4.01 1.57
C TRP A 70 -13.66 2.96 0.95
N GLY A 71 -13.23 3.20 -0.28
CA GLY A 71 -12.35 2.23 -0.90
C GLY A 71 -12.29 2.38 -2.40
N GLU A 72 -11.66 1.38 -3.02
CA GLU A 72 -11.58 1.24 -4.47
C GLU A 72 -12.83 0.60 -5.06
N ARG A 73 -13.70 0.05 -4.22
CA ARG A 73 -15.03 -0.40 -4.66
C ARG A 73 -15.94 -0.41 -3.46
N GLN A 74 -17.24 -0.24 -3.71
CA GLN A 74 -18.22 -0.13 -2.64
C GLN A 74 -18.59 -1.49 -2.08
N THR A 75 -18.86 -2.45 -2.95
CA THR A 75 -19.30 -3.79 -2.56
C THR A 75 -18.18 -4.78 -2.83
N VAL A 76 -17.81 -5.55 -1.81
CA VAL A 76 -16.78 -6.56 -1.92
C VAL A 76 -17.47 -7.92 -1.83
N VAL A 77 -17.25 -8.76 -2.85
CA VAL A 77 -17.80 -10.11 -2.86
C VAL A 77 -16.79 -11.07 -2.23
N ASP A 78 -17.29 -11.93 -1.34
CA ASP A 78 -16.46 -12.96 -0.69
C ASP A 78 -17.06 -14.32 -1.05
N GLN A 79 -16.44 -15.01 -2.01
CA GLN A 79 -16.85 -16.36 -2.38
C GLN A 79 -15.65 -17.28 -2.30
N HIS A 80 -15.69 -18.24 -1.37
CA HIS A 80 -14.55 -19.13 -1.23
C HIS A 80 -15.01 -20.44 -0.61
N ASN A 81 -14.21 -21.48 -0.87
CA ASN A 81 -14.32 -22.73 -0.15
C ASN A 81 -13.21 -22.80 0.90
N GLU A 82 -13.49 -23.50 1.99
CA GLU A 82 -12.65 -23.41 3.17
C GLU A 82 -12.47 -24.81 3.74
N VAL A 83 -11.24 -25.14 4.15
CA VAL A 83 -11.01 -26.39 4.86
C VAL A 83 -10.06 -26.10 6.02
N THR A 84 -10.38 -26.68 7.17
CA THR A 84 -9.51 -26.64 8.33
C THR A 84 -8.95 -28.05 8.53
N VAL A 85 -7.63 -28.17 8.47
CA VAL A 85 -6.93 -29.45 8.56
C VAL A 85 -6.25 -29.49 9.92
N THR A 86 -6.58 -30.51 10.74
CA THR A 86 -5.96 -30.65 12.05
C THR A 86 -4.87 -31.72 11.99
N PHE A 87 -3.69 -31.36 12.53
CA PHE A 87 -2.53 -32.24 12.61
C PHE A 87 -2.23 -32.57 14.05
N ALA A 88 -1.78 -33.79 14.32
CA ALA A 88 -1.43 -34.18 15.67
C ALA A 88 -0.20 -35.07 15.65
N LYS A 89 0.63 -34.91 16.69
CA LYS A 89 1.82 -35.72 16.89
C LYS A 89 1.73 -36.30 18.29
N PRO A 90 1.88 -37.62 18.45
CA PRO A 90 1.79 -38.21 19.79
C PRO A 90 2.98 -37.82 20.64
N GLN A 91 2.78 -37.94 21.96
CA GLN A 91 3.87 -37.74 22.92
C GLN A 91 4.91 -38.85 22.76
N PRO A 92 6.16 -38.59 23.19
CA PRO A 92 6.68 -37.35 23.80
C PRO A 92 6.93 -36.24 22.79
N GLN A 93 7.01 -35.00 23.28
CA GLN A 93 7.18 -33.83 22.43
C GLN A 93 6.12 -33.80 21.34
N GLY A 94 4.90 -34.20 21.72
CA GLY A 94 3.77 -34.16 20.82
C GLY A 94 3.04 -32.83 20.88
N GLY A 95 1.95 -32.76 20.13
CA GLY A 95 1.20 -31.52 20.04
C GLY A 95 0.18 -31.60 18.94
N THR A 96 -0.55 -30.50 18.79
CA THR A 96 -1.58 -30.42 17.77
CA THR A 96 -1.63 -30.41 17.81
C THR A 96 -1.70 -28.98 17.29
N TYR A 97 -1.99 -28.84 16.01
CA TYR A 97 -2.29 -27.52 15.45
C TYR A 97 -3.12 -27.75 14.20
N SER A 98 -3.78 -26.69 13.76
CA SER A 98 -4.58 -26.74 12.56
C SER A 98 -4.12 -25.68 11.58
N VAL A 99 -4.38 -25.92 10.30
CA VAL A 99 -4.18 -24.91 9.27
C VAL A 99 -5.50 -24.73 8.55
N ARG A 100 -5.96 -23.49 8.44
CA ARG A 100 -7.20 -23.14 7.76
C ARG A 100 -6.83 -22.58 6.39
N PHE A 101 -7.37 -23.18 5.34
CA PHE A 101 -7.16 -22.73 3.96
C PHE A 101 -8.46 -22.18 3.40
N LYS A 102 -8.37 -21.02 2.74
CA LYS A 102 -9.49 -20.45 2.00
C LYS A 102 -9.09 -20.36 0.54
N ALA A 103 -9.91 -20.95 -0.34
CA ALA A 103 -9.61 -20.99 -1.77
C ALA A 103 -10.63 -20.12 -2.49
N PHE A 104 -10.14 -19.02 -3.09
CA PHE A 104 -10.91 -18.12 -3.95
C PHE A 104 -10.57 -18.38 -5.41
N ASP A 105 -11.42 -17.89 -6.31
CA ASP A 105 -11.08 -17.99 -7.72
C ASP A 105 -9.79 -17.24 -8.05
N SER A 106 -9.42 -16.23 -7.25
CA SER A 106 -8.25 -15.40 -7.53
C SER A 106 -7.04 -15.74 -6.66
N GLY A 107 -7.12 -16.73 -5.77
CA GLY A 107 -5.98 -17.06 -4.95
C GLY A 107 -6.37 -17.81 -3.69
N VAL A 108 -5.37 -18.06 -2.85
N VAL A 108 -5.37 -18.03 -2.85
CA VAL A 108 -5.57 -18.85 -1.65
CA VAL A 108 -5.45 -18.88 -1.67
C VAL A 108 -4.96 -18.13 -0.45
C VAL A 108 -4.98 -18.08 -0.46
N GLY A 109 -5.61 -18.29 0.69
CA GLY A 109 -5.06 -17.82 1.96
C GLY A 109 -5.02 -18.95 2.95
N PHE A 110 -3.97 -18.99 3.77
CA PHE A 110 -3.95 -19.99 4.85
C PHE A 110 -3.31 -19.41 6.09
N ARG A 111 -3.69 -19.95 7.24
CA ARG A 111 -3.11 -19.53 8.50
C ARG A 111 -3.08 -20.72 9.45
N TYR A 112 -2.15 -20.67 10.40
CA TYR A 112 -2.11 -21.67 11.45
C TYR A 112 -2.99 -21.24 12.60
N GLU A 113 -3.63 -22.21 13.24
CA GLU A 113 -4.40 -22.00 14.46
C GLU A 113 -3.91 -23.03 15.47
N VAL A 114 -3.15 -22.57 16.46
CA VAL A 114 -2.53 -23.45 17.45
C VAL A 114 -3.37 -23.38 18.71
N PRO A 115 -4.01 -24.45 19.13
CA PRO A 115 -4.95 -24.38 20.26
C PRO A 115 -4.22 -24.47 21.59
N LYS A 116 -4.98 -24.14 22.64
CA LYS A 116 -4.52 -24.39 24.00
C LYS A 116 -4.17 -25.87 24.17
N GLN A 117 -3.02 -26.14 24.77
CA GLN A 117 -2.58 -27.51 25.01
C GLN A 117 -1.51 -27.50 26.08
N ALA A 118 -1.40 -28.64 26.79
CA ALA A 118 -0.45 -28.76 27.88
C ALA A 118 0.96 -28.45 27.41
N GLY A 119 1.67 -27.64 28.20
CA GLY A 119 3.03 -27.27 27.90
C GLY A 119 3.20 -26.12 26.93
N LEU A 120 2.12 -25.58 26.38
CA LEU A 120 2.19 -24.45 25.45
C LEU A 120 1.87 -23.19 26.26
N ASN A 121 2.91 -22.61 26.87
CA ASN A 121 2.71 -21.48 27.76
C ASN A 121 3.32 -20.24 27.13
N ASN A 122 4.30 -19.63 27.78
CA ASN A 122 5.00 -18.48 27.19
C ASN A 122 5.99 -19.00 26.16
N ILE A 123 5.69 -18.79 24.88
CA ILE A 123 6.54 -19.35 23.84
C ILE A 123 7.14 -18.22 23.01
N GLU A 124 8.26 -18.53 22.38
CA GLU A 124 8.92 -17.60 21.46
C GLU A 124 9.23 -18.32 20.16
N ILE A 125 8.51 -17.97 19.10
CA ILE A 125 8.79 -18.55 17.79
C ILE A 125 10.13 -18.04 17.31
N THR A 126 11.00 -18.96 16.90
CA THR A 126 12.26 -18.58 16.27
C THR A 126 12.25 -18.82 14.78
N LYS A 127 11.38 -19.71 14.27
CA LYS A 127 11.30 -19.94 12.83
C LYS A 127 9.90 -20.42 12.49
N GLU A 128 9.32 -19.83 11.46
CA GLU A 128 8.13 -20.39 10.84
C GLU A 128 8.58 -21.19 9.62
N LEU A 129 8.19 -22.47 9.55
CA LEU A 129 8.73 -23.38 8.53
C LEU A 129 8.00 -23.27 7.20
N THR A 130 6.93 -22.48 7.14
CA THR A 130 6.12 -22.29 5.93
C THR A 130 7.00 -22.06 4.71
N GLU A 131 6.73 -22.84 3.65
CA GLU A 131 7.41 -22.66 2.38
C GLU A 131 6.40 -22.31 1.30
N PHE A 132 6.93 -21.74 0.21
CA PHE A 132 6.24 -21.54 -1.06
C PHE A 132 7.22 -22.08 -2.11
N ALA A 133 7.07 -23.36 -2.46
CA ALA A 133 8.00 -24.01 -3.38
C ALA A 133 7.47 -23.84 -4.80
N VAL A 134 8.10 -22.98 -5.58
CA VAL A 134 7.59 -22.64 -6.90
C VAL A 134 8.04 -23.69 -7.90
N ASN A 135 7.07 -24.25 -8.64
CA ASN A 135 7.37 -25.25 -9.65
C ASN A 135 8.00 -24.61 -10.88
N ASN A 136 8.98 -25.29 -11.46
CA ASN A 136 9.70 -24.77 -12.65
C ASN A 136 10.26 -23.37 -12.40
N SER A 137 10.89 -23.18 -11.24
CA SER A 137 11.38 -21.85 -10.91
C SER A 137 12.50 -21.41 -11.84
N HIS A 138 13.17 -22.35 -12.52
CA HIS A 138 14.30 -22.00 -13.38
C HIS A 138 13.88 -21.25 -14.65
N THR A 139 12.59 -21.25 -15.00
CA THR A 139 12.12 -20.51 -16.16
C THR A 139 11.15 -19.40 -15.79
N ALA A 140 11.03 -19.06 -14.51
CA ALA A 140 10.13 -18.01 -14.04
C ALA A 140 10.85 -16.67 -13.96
N THR A 141 10.08 -15.59 -14.04
CA THR A 141 10.58 -14.22 -14.00
C THR A 141 9.94 -13.51 -12.82
N ALA A 142 10.74 -12.77 -12.04
CA ALA A 142 10.23 -12.10 -10.85
C ALA A 142 10.53 -10.60 -10.90
N TRP A 143 9.67 -9.83 -10.23
CA TRP A 143 9.81 -8.38 -10.11
C TRP A 143 9.75 -8.04 -8.62
N TRP A 144 10.88 -7.62 -8.03
CA TRP A 144 10.98 -7.70 -6.57
C TRP A 144 11.88 -6.62 -6.00
N ILE A 145 11.72 -6.38 -4.70
CA ILE A 145 12.63 -5.52 -3.95
C ILE A 145 13.31 -6.35 -2.84
N PRO A 146 14.54 -6.01 -2.49
CA PRO A 146 15.24 -6.77 -1.44
C PRO A 146 14.66 -6.45 -0.07
N ALA A 147 14.68 -7.46 0.80
CA ALA A 147 14.28 -7.29 2.19
C ALA A 147 15.50 -7.11 3.10
N ARG A 148 15.25 -6.54 4.29
CA ARG A 148 16.25 -6.34 5.34
C ARG A 148 17.35 -5.37 4.92
N GLY A 149 17.06 -4.50 3.94
CA GLY A 149 18.04 -3.54 3.47
C GLY A 149 17.97 -2.23 4.24
N TRP A 150 18.97 -1.38 4.00
CA TRP A 150 19.08 -0.16 4.78
C TRP A 150 17.94 0.81 4.49
N ASN A 151 17.31 0.72 3.33
CA ASN A 151 16.24 1.66 3.00
C ASN A 151 14.86 1.03 3.01
N ARG A 152 14.67 -0.06 3.75
CA ARG A 152 13.32 -0.56 4.09
C ARG A 152 12.57 -1.00 2.84
N TYR A 153 11.35 -0.49 2.61
CA TYR A 153 10.62 -0.84 1.39
C TYR A 153 10.95 0.08 0.22
N GLU A 154 11.78 1.09 0.42
CA GLU A 154 11.94 2.15 -0.58
C GLU A 154 13.10 1.79 -1.53
N TYR A 155 12.81 0.86 -2.44
CA TYR A 155 13.73 0.40 -3.48
C TYR A 155 13.01 0.37 -4.82
N VAL A 156 13.76 0.54 -5.91
CA VAL A 156 13.17 0.27 -7.22
C VAL A 156 13.15 -1.24 -7.45
N TYR A 157 12.20 -1.68 -8.25
CA TYR A 157 12.01 -3.12 -8.46
C TYR A 157 13.03 -3.68 -9.44
N ASN A 158 13.54 -4.86 -9.11
CA ASN A 158 14.45 -5.62 -9.96
C ASN A 158 13.66 -6.57 -10.85
N THR A 159 14.11 -6.76 -12.08
CA THR A 159 13.51 -7.72 -13.01
C THR A 159 14.55 -8.82 -13.23
N THR A 160 14.31 -10.02 -12.67
CA THR A 160 15.33 -11.07 -12.76
C THR A 160 14.69 -12.43 -12.94
N PRO A 161 15.47 -13.46 -13.31
CA PRO A 161 15.01 -14.83 -13.09
C PRO A 161 14.61 -15.04 -11.63
N LEU A 162 13.58 -15.85 -11.43
CA LEU A 162 13.08 -16.10 -10.07
C LEU A 162 14.18 -16.63 -9.16
N ASN A 163 15.10 -17.43 -9.70
CA ASN A 163 16.13 -18.04 -8.87
C ASN A 163 17.14 -17.03 -8.36
N ASP A 164 17.11 -15.79 -8.86
CA ASP A 164 18.01 -14.73 -8.37
C ASP A 164 17.40 -13.89 -7.27
N ALA A 165 16.14 -14.11 -6.90
CA ALA A 165 15.47 -13.33 -5.86
C ALA A 165 15.78 -13.98 -4.51
N ALA A 166 16.85 -13.52 -3.85
CA ALA A 166 17.37 -14.26 -2.70
C ALA A 166 16.60 -13.95 -1.41
N LEU A 167 16.27 -12.69 -1.15
CA LEU A 167 15.65 -12.31 0.11
C LEU A 167 14.79 -11.10 -0.18
N VAL A 168 13.46 -11.26 -0.14
CA VAL A 168 12.57 -10.28 -0.76
C VAL A 168 11.42 -9.91 0.17
N HIS A 169 10.93 -8.69 -0.01
CA HIS A 169 9.72 -8.25 0.67
C HIS A 169 8.49 -8.72 -0.11
N THR A 170 7.34 -8.69 0.56
CA THR A 170 6.07 -8.97 -0.12
C THR A 170 5.25 -7.68 -0.22
N PRO A 171 4.31 -7.59 -1.18
CA PRO A 171 3.91 -8.56 -2.21
C PRO A 171 5.07 -8.91 -3.12
N PHE A 172 5.26 -10.21 -3.32
CA PHE A 172 6.34 -10.76 -4.15
C PHE A 172 5.70 -11.36 -5.37
N THR A 173 5.88 -10.71 -6.53
CA THR A 173 5.15 -11.04 -7.74
C THR A 173 6.08 -11.63 -8.79
N PHE A 174 5.61 -12.69 -9.45
CA PHE A 174 6.41 -13.33 -10.49
C PHE A 174 5.47 -14.03 -11.45
N LYS A 175 6.03 -14.51 -12.57
CA LYS A 175 5.25 -15.30 -13.52
C LYS A 175 6.05 -16.52 -13.93
N ASN A 176 5.33 -17.61 -14.22
CA ASN A 176 6.03 -18.81 -14.67
C ASN A 176 6.06 -18.84 -16.20
N GLN A 177 6.68 -19.91 -16.72
N GLN A 177 6.68 -19.87 -16.76
CA GLN A 177 6.87 -20.06 -18.15
CA GLN A 177 6.84 -19.88 -18.21
C GLN A 177 5.54 -20.07 -18.90
C GLN A 177 5.53 -20.10 -18.95
N ASP A 178 4.49 -20.60 -18.27
CA ASP A 178 3.17 -20.67 -18.90
C ASP A 178 2.48 -19.32 -18.97
N GLY A 179 3.03 -18.28 -18.35
CA GLY A 179 2.37 -16.99 -18.29
C GLY A 179 1.49 -16.80 -17.08
N VAL A 180 1.40 -17.79 -16.18
CA VAL A 180 0.61 -17.66 -14.97
C VAL A 180 1.31 -16.69 -14.04
N HIS A 181 0.57 -15.70 -13.55
CA HIS A 181 1.10 -14.73 -12.61
C HIS A 181 0.74 -15.12 -11.19
N ILE A 182 1.70 -14.99 -10.28
CA ILE A 182 1.53 -15.37 -8.89
C ILE A 182 2.09 -14.25 -8.01
N SER A 183 1.45 -13.98 -6.89
CA SER A 183 1.98 -13.00 -5.95
C SER A 183 1.77 -13.50 -4.54
N ILE A 184 2.82 -13.45 -3.73
CA ILE A 184 2.79 -13.97 -2.37
C ILE A 184 2.79 -12.77 -1.41
N HIS A 185 1.91 -12.80 -0.42
CA HIS A 185 1.80 -11.68 0.53
C HIS A 185 1.23 -12.24 1.83
N GLU A 186 0.69 -11.36 2.67
CA GLU A 186 0.01 -11.82 3.89
C GLU A 186 -1.10 -10.85 4.22
N ALA A 187 -2.03 -11.30 5.07
CA ALA A 187 -3.17 -10.48 5.43
C ALA A 187 -3.37 -10.54 6.94
N ALA A 188 -3.83 -9.42 7.50
CA ALA A 188 -4.16 -9.30 8.92
C ALA A 188 -2.93 -9.55 9.80
N LEU A 189 -1.89 -8.76 9.54
CA LEU A 189 -0.65 -8.87 10.32
C LEU A 189 -0.85 -8.16 11.66
N VAL A 190 -1.21 -8.95 12.68
CA VAL A 190 -1.57 -8.45 13.99
C VAL A 190 -0.79 -9.25 15.04
N ASP A 191 -0.07 -8.53 15.92
CA ASP A 191 0.69 -9.12 17.02
C ASP A 191 1.56 -10.29 16.55
N TYR A 192 2.34 -10.04 15.50
CA TYR A 192 3.17 -11.05 14.86
C TYR A 192 4.24 -10.31 14.08
N ALA A 193 5.30 -11.04 13.72
CA ALA A 193 6.38 -10.48 12.92
C ALA A 193 6.06 -10.59 11.44
N ALA A 194 6.42 -9.55 10.68
CA ALA A 194 6.22 -9.62 9.23
C ALA A 194 7.03 -10.75 8.62
N MET A 195 6.48 -11.31 7.54
CA MET A 195 7.15 -12.36 6.76
C MET A 195 7.94 -11.74 5.62
N VAL A 196 9.22 -12.04 5.58
CA VAL A 196 10.07 -11.86 4.41
C VAL A 196 10.24 -13.23 3.76
N LEU A 197 10.52 -13.27 2.45
CA LEU A 197 10.70 -14.55 1.78
C LEU A 197 12.17 -14.80 1.49
N ASN A 198 12.65 -15.98 1.90
CA ASN A 198 14.07 -16.31 1.86
C ASN A 198 14.21 -17.53 0.97
N GLN A 199 14.79 -17.37 -0.22
CA GLN A 199 14.93 -18.50 -1.13
C GLN A 199 16.00 -19.47 -0.62
N ARG A 200 15.60 -20.71 -0.36
CA ARG A 200 16.53 -21.71 0.17
C ARG A 200 17.04 -22.53 -0.99
N ARG A 201 16.71 -23.82 -1.06
CA ARG A 201 16.99 -24.54 -2.30
C ARG A 201 16.24 -23.85 -3.44
N PRO A 202 16.71 -23.99 -4.68
CA PRO A 202 16.16 -23.19 -5.78
C PRO A 202 14.65 -23.30 -5.88
N GLY A 203 13.99 -22.15 -5.90
CA GLY A 203 12.55 -22.07 -5.99
C GLY A 203 11.80 -22.24 -4.69
N VAL A 204 12.48 -22.58 -3.59
CA VAL A 204 11.81 -22.86 -2.33
C VAL A 204 11.93 -21.61 -1.46
N PHE A 205 10.86 -20.82 -1.41
CA PHE A 205 10.85 -19.60 -0.60
C PHE A 205 10.32 -19.93 0.78
N GLN A 206 11.17 -19.75 1.79
CA GLN A 206 10.80 -20.04 3.18
C GLN A 206 10.45 -18.76 3.90
N ALA A 207 9.40 -18.82 4.72
CA ALA A 207 9.05 -17.71 5.60
C ALA A 207 10.25 -17.33 6.44
N ASP A 208 10.56 -16.05 6.50
CA ASP A 208 11.70 -15.53 7.26
C ASP A 208 11.13 -14.39 8.11
N LEU A 209 10.79 -14.67 9.36
CA LEU A 209 10.09 -13.68 10.19
C LEU A 209 11.06 -12.62 10.70
N THR A 210 10.67 -11.36 10.57
CA THR A 210 11.54 -10.26 11.01
C THR A 210 11.63 -10.25 12.52
N PRO A 211 12.83 -10.37 13.11
CA PRO A 211 12.95 -10.64 14.54
C PRO A 211 13.02 -9.39 15.42
N TRP A 212 12.84 -9.63 16.72
CA TRP A 212 13.24 -8.70 17.76
C TRP A 212 14.76 -8.56 17.78
N SER A 213 15.23 -7.47 18.39
CA SER A 213 16.68 -7.30 18.58
C SER A 213 17.26 -8.44 19.41
N SER A 214 16.45 -9.03 20.30
CA SER A 214 16.94 -10.15 21.10
C SER A 214 17.17 -11.41 20.27
N GLY A 215 16.57 -11.49 19.08
CA GLY A 215 16.79 -12.60 18.17
C GLY A 215 15.59 -13.50 17.95
N VAL A 216 14.61 -13.51 18.86
CA VAL A 216 13.41 -14.32 18.61
C VAL A 216 12.47 -13.56 17.68
N ALA A 217 11.58 -14.30 17.04
CA ALA A 217 10.68 -13.68 16.07
C ALA A 217 9.37 -13.22 16.70
N VAL A 218 8.66 -14.11 17.42
CA VAL A 218 7.30 -13.80 17.89
C VAL A 218 7.12 -14.31 19.30
N LYS A 219 6.68 -13.43 20.20
CA LYS A 219 6.36 -13.79 21.57
C LYS A 219 4.85 -14.00 21.68
N LYS A 220 4.44 -15.15 22.21
CA LYS A 220 3.04 -15.47 22.42
C LYS A 220 2.86 -16.12 23.79
N GLN A 221 1.68 -15.93 24.38
CA GLN A 221 1.30 -16.65 25.59
C GLN A 221 0.17 -17.61 25.22
N GLY A 222 0.48 -18.90 25.15
CA GLY A 222 -0.57 -19.89 24.95
C GLY A 222 -1.03 -19.95 23.50
N ALA A 223 -2.30 -20.33 23.33
CA ALA A 223 -2.87 -20.50 22.00
C ALA A 223 -2.66 -19.25 21.16
N PHE A 224 -2.38 -19.46 19.87
CA PHE A 224 -2.15 -18.33 18.97
C PHE A 224 -2.48 -18.74 17.55
N ASN A 225 -2.80 -17.74 16.73
CA ASN A 225 -2.93 -17.90 15.30
C ASN A 225 -1.82 -17.12 14.62
N THR A 226 -1.52 -17.49 13.37
CA THR A 226 -0.66 -16.62 12.56
C THR A 226 -1.52 -15.69 11.73
N PRO A 227 -0.92 -14.66 11.15
CA PRO A 227 -1.59 -13.95 10.04
C PRO A 227 -1.83 -14.91 8.89
N TRP A 228 -2.64 -14.46 7.94
CA TRP A 228 -2.85 -15.23 6.72
C TRP A 228 -1.65 -15.10 5.81
N ARG A 229 -1.27 -16.22 5.19
CA ARG A 229 -0.31 -16.22 4.09
C ARG A 229 -1.12 -16.29 2.80
N THR A 230 -0.82 -15.42 1.84
CA THR A 230 -1.67 -15.34 0.65
C THR A 230 -0.88 -15.64 -0.61
N ILE A 231 -1.52 -16.39 -1.52
CA ILE A 231 -0.94 -16.71 -2.82
C ILE A 231 -1.99 -16.35 -3.87
N GLN A 232 -1.82 -15.20 -4.50
CA GLN A 232 -2.69 -14.84 -5.62
C GLN A 232 -2.20 -15.53 -6.87
N ILE A 233 -3.15 -16.02 -7.68
CA ILE A 233 -2.85 -16.78 -8.89
C ILE A 233 -3.81 -16.33 -9.97
N GLY A 234 -3.28 -15.95 -11.14
CA GLY A 234 -4.14 -15.55 -12.24
C GLY A 234 -3.50 -15.83 -13.58
N GLU A 235 -4.35 -15.96 -14.59
CA GLU A 235 -3.80 -16.20 -15.92
C GLU A 235 -3.20 -14.92 -16.52
N LYS A 236 -3.64 -13.74 -16.04
CA LYS A 236 -3.16 -12.46 -16.54
C LYS A 236 -2.68 -11.59 -15.38
N ALA A 237 -1.78 -10.65 -15.69
CA ALA A 237 -1.30 -9.73 -14.66
C ALA A 237 -2.44 -8.97 -13.98
N VAL A 238 -3.43 -8.50 -14.76
CA VAL A 238 -4.50 -7.73 -14.12
C VAL A 238 -5.40 -8.62 -13.26
N ASP A 239 -5.34 -9.95 -13.40
CA ASP A 239 -6.09 -10.80 -12.48
C ASP A 239 -5.54 -10.70 -11.06
N LEU A 240 -4.26 -10.35 -10.90
CA LEU A 240 -3.74 -10.09 -9.57
C LEU A 240 -4.31 -8.79 -9.01
N VAL A 241 -4.42 -7.77 -9.87
CA VAL A 241 -4.89 -6.47 -9.43
C VAL A 241 -6.36 -6.53 -9.01
N ASN A 242 -7.20 -7.22 -9.79
CA ASN A 242 -8.66 -7.14 -9.61
C ASN A 242 -9.19 -8.06 -8.49
N SER A 243 -8.35 -8.51 -7.58
CA SER A 243 -8.77 -9.39 -6.50
C SER A 243 -9.00 -8.60 -5.23
N ASP A 244 -9.98 -9.02 -4.42
CA ASP A 244 -10.21 -8.49 -3.09
C ASP A 244 -9.74 -9.44 -1.98
N ILE A 245 -8.83 -10.36 -2.29
CA ILE A 245 -8.51 -11.40 -1.33
C ILE A 245 -7.91 -10.81 -0.05
N ILE A 246 -7.09 -9.76 -0.16
CA ILE A 246 -6.46 -9.19 1.03
C ILE A 246 -7.50 -8.62 1.99
N LEU A 247 -8.40 -7.77 1.48
CA LEU A 247 -9.49 -7.29 2.33
C LEU A 247 -10.36 -8.43 2.86
N ASN A 248 -10.68 -9.41 2.01
CA ASN A 248 -11.58 -10.47 2.43
C ASN A 248 -11.00 -11.33 3.55
N LEU A 249 -9.68 -11.34 3.73
CA LEU A 249 -9.10 -12.13 4.81
C LEU A 249 -8.96 -11.34 6.11
N ASN A 250 -9.39 -10.09 6.14
CA ASN A 250 -9.33 -9.31 7.37
C ASN A 250 -10.66 -9.32 8.10
N GLU A 251 -10.58 -9.04 9.40
CA GLU A 251 -11.78 -9.00 10.23
C GLU A 251 -12.61 -7.76 9.90
N PRO A 252 -13.93 -7.84 10.11
CA PRO A 252 -14.79 -6.67 9.84
C PRO A 252 -14.44 -5.49 10.72
N ASN A 253 -14.79 -4.31 10.21
CA ASN A 253 -14.69 -3.03 10.90
C ASN A 253 -15.00 -3.15 12.39
N LYS A 254 -14.05 -2.74 13.22
CA LYS A 254 -14.23 -2.71 14.66
C LYS A 254 -14.51 -1.32 15.21
N LEU A 255 -14.52 -0.29 14.37
CA LEU A 255 -14.63 1.09 14.83
C LEU A 255 -16.04 1.67 14.73
N GLY A 256 -17.02 0.86 14.33
CA GLY A 256 -18.40 1.36 14.29
C GLY A 256 -18.59 2.40 13.20
N ASP A 257 -19.30 3.47 13.54
CA ASP A 257 -19.56 4.56 12.60
C ASP A 257 -18.25 5.27 12.28
N VAL A 258 -17.78 5.16 11.03
CA VAL A 258 -16.53 5.82 10.64
C VAL A 258 -16.81 6.88 9.58
N SER A 259 -18.01 7.49 9.64
CA SER A 259 -18.30 8.59 8.72
C SER A 259 -17.37 9.78 8.94
N TRP A 260 -16.65 9.83 10.06
CA TRP A 260 -15.67 10.88 10.30
C TRP A 260 -14.37 10.67 9.51
N VAL A 261 -14.21 9.56 8.81
CA VAL A 261 -13.08 9.34 7.91
C VAL A 261 -13.50 9.85 6.53
N LYS A 262 -12.77 10.84 6.02
N LYS A 262 -12.77 10.85 6.01
CA LYS A 262 -13.17 11.56 4.81
CA LYS A 262 -13.20 11.54 4.80
C LYS A 262 -12.12 11.40 3.71
C LYS A 262 -12.16 11.43 3.69
N PRO A 263 -12.39 10.62 2.66
CA PRO A 263 -11.49 10.63 1.50
C PRO A 263 -11.52 12.01 0.85
N GLY A 264 -10.41 12.39 0.24
CA GLY A 264 -10.37 13.67 -0.45
C GLY A 264 -8.97 13.97 -0.92
N LYS A 265 -8.80 15.16 -1.47
CA LYS A 265 -7.52 15.59 -2.00
C LYS A 265 -6.90 16.62 -1.07
N TYR A 266 -5.57 16.69 -1.07
CA TYR A 266 -4.90 17.64 -0.20
C TYR A 266 -3.67 18.21 -0.90
N ILE A 267 -3.21 19.34 -0.38
CA ILE A 267 -1.94 19.93 -0.80
C ILE A 267 -1.07 20.04 0.44
N GLY A 268 0.14 20.56 0.30
CA GLY A 268 0.96 20.64 1.49
C GLY A 268 2.19 21.52 1.38
N ILE A 269 2.58 22.10 2.51
CA ILE A 269 3.92 22.67 2.65
C ILE A 269 4.85 21.48 2.85
N TRP A 270 5.48 21.06 1.75
CA TRP A 270 6.07 19.73 1.69
C TRP A 270 7.11 19.63 0.58
N TRP A 271 6.67 19.72 -0.68
CA TRP A 271 7.60 19.57 -1.81
C TRP A 271 8.68 20.62 -1.77
N GLY A 272 8.35 21.84 -1.31
CA GLY A 272 9.34 22.89 -1.24
C GLY A 272 10.54 22.51 -0.41
N MET A 273 10.33 21.73 0.66
CA MET A 273 11.47 21.28 1.45
C MET A 273 12.27 20.23 0.68
N HIS A 274 11.59 19.37 -0.08
CA HIS A 274 12.30 18.32 -0.82
C HIS A 274 13.09 18.89 -1.99
N ILE A 275 12.67 20.02 -2.57
CA ILE A 275 13.44 20.64 -3.63
C ILE A 275 14.21 21.85 -3.14
N ASN A 276 14.32 22.04 -1.82
CA ASN A 276 15.21 23.01 -1.18
C ASN A 276 14.78 24.45 -1.37
N THR A 277 13.52 24.74 -1.71
CA THR A 277 13.08 26.13 -1.64
C THR A 277 12.69 26.54 -0.22
N HIS A 278 12.42 25.56 0.65
CA HIS A 278 12.11 25.79 2.05
C HIS A 278 12.91 24.83 2.91
N THR A 279 12.94 25.10 4.22
CA THR A 279 13.54 24.20 5.20
C THR A 279 12.46 23.69 6.15
N TRP A 280 12.68 22.49 6.69
CA TRP A 280 11.86 22.05 7.81
C TRP A 280 12.20 22.83 9.07
N GLY A 281 13.50 23.09 9.29
CA GLY A 281 13.93 23.81 10.46
C GLY A 281 13.69 25.30 10.35
N SER A 282 13.85 25.98 11.48
CA SER A 282 13.57 27.40 11.56
C SER A 282 14.59 28.19 10.76
N GLY A 283 14.22 29.41 10.40
CA GLY A 283 15.11 30.30 9.67
C GLY A 283 14.38 31.00 8.56
N ASP A 284 15.18 31.72 7.74
CA ASP A 284 14.65 32.56 6.67
C ASP A 284 13.85 31.79 5.63
N LYS A 285 14.08 30.50 5.48
CA LYS A 285 13.36 29.69 4.48
C LYS A 285 12.38 28.72 5.11
N HIS A 286 12.04 28.90 6.40
CA HIS A 286 11.18 27.94 7.08
C HIS A 286 9.84 27.82 6.36
N GLY A 287 9.45 26.59 6.02
CA GLY A 287 8.20 26.41 5.30
C GLY A 287 6.99 26.62 6.19
N ALA A 288 7.03 26.09 7.42
CA ALA A 288 5.85 25.98 8.28
C ALA A 288 5.66 27.27 9.08
N THR A 289 5.15 28.29 8.41
CA THR A 289 4.80 29.55 9.04
C THR A 289 3.30 29.77 8.95
N THR A 290 2.79 30.59 9.86
CA THR A 290 1.38 30.98 9.80
C THR A 290 1.03 31.56 8.44
N LYS A 291 1.86 32.48 7.95
CA LYS A 291 1.58 33.16 6.68
C LYS A 291 1.55 32.16 5.53
N ASN A 292 2.55 31.28 5.45
N ASN A 292 2.53 31.26 5.47
CA ASN A 292 2.59 30.30 4.37
CA ASN A 292 2.58 30.31 4.38
C ASN A 292 1.39 29.36 4.45
C ASN A 292 1.42 29.33 4.45
N THR A 293 1.03 28.91 5.65
CA THR A 293 -0.08 27.98 5.81
C THR A 293 -1.39 28.61 5.36
N LYS A 294 -1.61 29.88 5.72
CA LYS A 294 -2.83 30.55 5.30
C LYS A 294 -2.87 30.70 3.77
N TYR A 295 -1.73 30.97 3.16
CA TYR A 295 -1.64 31.04 1.71
C TYR A 295 -2.06 29.71 1.07
N TYR A 296 -1.54 28.60 1.60
CA TYR A 296 -1.95 27.30 1.09
C TYR A 296 -3.43 27.03 1.35
N MET A 297 -3.94 27.43 2.52
CA MET A 297 -5.34 27.18 2.82
C MET A 297 -6.25 27.97 1.87
N ASP A 298 -5.86 29.21 1.56
CA ASP A 298 -6.61 30.01 0.58
C ASP A 298 -6.67 29.30 -0.77
N PHE A 299 -5.53 28.76 -1.22
CA PHE A 299 -5.48 28.04 -2.49
C PHE A 299 -6.36 26.80 -2.44
N ALA A 300 -6.24 26.01 -1.36
CA ALA A 300 -7.06 24.82 -1.21
C ALA A 300 -8.55 25.15 -1.25
N ALA A 301 -8.97 26.23 -0.58
CA ALA A 301 -10.37 26.61 -0.57
C ALA A 301 -10.85 26.98 -1.97
N LYS A 302 -10.02 27.69 -2.72
CA LYS A 302 -10.43 28.14 -4.05
C LYS A 302 -10.51 26.98 -5.04
N TYR A 303 -9.63 25.99 -4.93
CA TYR A 303 -9.49 24.98 -5.97
C TYR A 303 -9.97 23.60 -5.57
N GLY A 304 -10.56 23.45 -4.39
CA GLY A 304 -11.29 22.23 -4.05
C GLY A 304 -10.50 21.17 -3.32
N PHE A 305 -9.59 21.57 -2.44
CA PHE A 305 -8.80 20.64 -1.65
C PHE A 305 -9.26 20.70 -0.20
N ASP A 306 -9.31 19.53 0.44
CA ASP A 306 -9.88 19.40 1.78
C ASP A 306 -8.92 19.82 2.88
N GLY A 307 -7.62 19.74 2.65
CA GLY A 307 -6.65 19.89 3.73
C GLY A 307 -5.30 20.34 3.23
N VAL A 308 -4.51 20.84 4.18
CA VAL A 308 -3.14 21.30 3.93
C VAL A 308 -2.22 20.58 4.92
N LEU A 309 -1.39 19.69 4.42
CA LEU A 309 -0.32 19.12 5.22
C LEU A 309 0.75 20.18 5.45
N VAL A 310 1.26 20.27 6.68
CA VAL A 310 2.36 21.16 6.98
C VAL A 310 3.41 20.38 7.76
N GLU A 311 4.61 20.23 7.19
CA GLU A 311 5.72 19.61 7.87
C GLU A 311 6.69 20.68 8.37
N GLY A 312 7.32 20.41 9.51
CA GLY A 312 8.23 21.37 10.11
C GLY A 312 7.57 22.33 11.06
N TRP A 313 6.38 22.02 11.54
CA TRP A 313 5.64 22.95 12.38
C TRP A 313 6.09 22.90 13.85
N ASN A 314 6.62 21.76 14.27
CA ASN A 314 6.92 21.49 15.68
C ASN A 314 8.43 21.60 15.94
N THR A 315 8.79 21.93 17.18
CA THR A 315 10.21 22.09 17.47
C THR A 315 10.95 20.76 17.38
N GLY A 316 12.20 20.83 16.93
CA GLY A 316 13.02 19.64 16.84
C GLY A 316 13.64 19.41 15.48
N TRP A 317 13.24 20.18 14.48
CA TRP A 317 13.73 19.98 13.11
C TRP A 317 15.05 20.70 12.83
N ASP A 318 15.48 21.64 13.68
CA ASP A 318 16.69 22.40 13.39
C ASP A 318 17.91 21.49 13.31
N GLY A 319 18.78 21.78 12.36
CA GLY A 319 20.00 21.02 12.18
C GLY A 319 19.82 19.99 11.06
N ASP A 320 20.08 18.73 11.38
CA ASP A 320 19.87 17.62 10.45
C ASP A 320 18.79 16.74 11.09
N TRP A 321 17.55 16.88 10.62
CA TRP A 321 16.44 16.28 11.34
C TRP A 321 16.47 14.75 11.35
N PHE A 322 17.21 14.14 10.41
CA PHE A 322 17.37 12.68 10.42
C PHE A 322 17.89 12.18 11.76
N PHE A 323 18.68 12.99 12.46
CA PHE A 323 19.31 12.62 13.72
C PHE A 323 18.60 13.17 14.95
N ASN A 324 17.42 13.77 14.78
CA ASN A 324 16.76 14.51 15.86
C ASN A 324 15.62 13.73 16.51
N GLY A 325 15.57 12.40 16.34
CA GLY A 325 14.46 11.63 16.87
C GLY A 325 14.26 11.78 18.36
N ASP A 326 15.35 12.02 19.11
CA ASP A 326 15.26 12.16 20.56
C ASP A 326 14.60 13.47 21.00
N VAL A 327 14.61 14.51 20.17
CA VAL A 327 14.29 15.85 20.66
C VAL A 327 13.03 16.44 20.05
N PHE A 328 12.35 15.75 19.12
CA PHE A 328 11.10 16.25 18.59
C PHE A 328 10.08 16.44 19.71
N SER A 329 9.40 17.59 19.71
CA SER A 329 8.18 17.78 20.49
C SER A 329 6.99 17.58 19.57
N PHE A 330 5.96 16.89 20.06
CA PHE A 330 4.74 16.69 19.30
C PHE A 330 3.59 17.53 19.82
N THR A 331 3.89 18.51 20.69
CA THR A 331 2.92 19.48 21.16
C THR A 331 3.36 20.93 21.01
N GLN A 332 4.67 21.21 20.89
CA GLN A 332 5.15 22.58 20.92
C GLN A 332 5.46 23.08 19.52
N PRO A 333 4.69 24.01 18.97
CA PRO A 333 5.03 24.58 17.67
C PRO A 333 6.22 25.53 17.76
N TYR A 334 6.90 25.67 16.64
CA TYR A 334 7.80 26.82 16.46
C TYR A 334 7.05 28.12 16.69
N ASP A 335 7.79 29.15 17.08
CA ASP A 335 7.16 30.43 17.38
C ASP A 335 6.52 31.09 16.16
N ASP A 336 6.89 30.69 14.94
CA ASP A 336 6.31 31.28 13.75
C ASP A 336 5.15 30.47 13.18
N PHE A 337 4.66 29.47 13.92
CA PHE A 337 3.52 28.64 13.53
C PHE A 337 2.45 28.78 14.61
N ASP A 338 1.41 29.57 14.32
CA ASP A 338 0.38 29.92 15.31
C ASP A 338 -0.80 28.96 15.13
N ILE A 339 -0.80 27.87 15.90
CA ILE A 339 -1.77 26.81 15.63
C ILE A 339 -3.17 27.25 16.04
N ALA A 340 -3.30 28.11 17.06
CA ALA A 340 -4.62 28.64 17.41
C ALA A 340 -5.17 29.51 16.29
N ALA A 341 -4.33 30.36 15.69
CA ALA A 341 -4.80 31.18 14.58
C ALA A 341 -5.18 30.33 13.38
N LEU A 342 -4.41 29.26 13.13
CA LEU A 342 -4.71 28.40 11.98
C LEU A 342 -5.94 27.54 12.24
N THR A 343 -6.22 27.22 13.50
CA THR A 343 -7.46 26.53 13.83
C THR A 343 -8.67 27.40 13.51
N LYS A 344 -8.60 28.68 13.89
CA LYS A 344 -9.66 29.61 13.52
C LYS A 344 -9.76 29.74 12.01
N TYR A 345 -8.62 29.84 11.32
CA TYR A 345 -8.63 29.99 9.88
C TYR A 345 -9.18 28.75 9.17
N SER A 346 -8.94 27.56 9.74
CA SER A 346 -9.50 26.35 9.15
C SER A 346 -11.02 26.37 9.18
N LYS A 347 -11.59 26.95 10.23
CA LYS A 347 -13.04 27.07 10.32
C LYS A 347 -13.58 28.13 9.38
N GLN A 348 -12.82 29.22 9.16
CA GLN A 348 -13.27 30.25 8.23
C GLN A 348 -13.26 29.75 6.79
N THR A 349 -12.20 29.02 6.41
CA THR A 349 -12.02 28.59 5.03
C THR A 349 -12.64 27.25 4.73
N GLY A 350 -12.94 26.44 5.74
CA GLY A 350 -13.37 25.08 5.48
C GLY A 350 -12.28 24.13 5.07
N VAL A 351 -11.01 24.55 5.15
CA VAL A 351 -9.87 23.72 4.79
C VAL A 351 -9.17 23.30 6.08
N GLN A 352 -8.95 22.00 6.26
CA GLN A 352 -8.35 21.57 7.51
C GLN A 352 -6.83 21.54 7.43
N LEU A 353 -6.21 21.77 8.58
CA LEU A 353 -4.80 21.45 8.74
C LEU A 353 -4.64 19.94 8.84
N ILE A 354 -3.70 19.38 8.09
CA ILE A 354 -3.35 17.97 8.21
C ILE A 354 -2.09 17.88 9.05
N GLY A 355 -2.16 17.11 10.14
CA GLY A 355 -1.08 17.06 11.11
C GLY A 355 0.10 16.23 10.63
N HIS A 356 1.22 16.37 11.35
CA HIS A 356 2.44 15.67 10.97
C HIS A 356 3.25 15.32 12.21
N HIS A 357 3.57 14.04 12.37
CA HIS A 357 4.35 13.51 13.48
C HIS A 357 5.50 12.69 12.90
N GLU A 358 6.63 13.34 12.61
CA GLU A 358 7.84 12.62 12.23
C GLU A 358 8.59 12.22 13.50
N THR A 359 8.93 10.93 13.62
CA THR A 359 9.66 10.46 14.80
C THR A 359 11.16 10.34 14.57
N SER A 360 11.62 10.37 13.32
CA SER A 360 12.96 9.97 12.94
C SER A 360 13.36 8.69 13.67
N GLY A 361 12.42 7.76 13.79
CA GLY A 361 12.72 6.44 14.29
C GLY A 361 12.64 6.26 15.80
N ASN A 362 12.55 7.34 16.57
CA ASN A 362 12.48 7.19 18.03
C ASN A 362 11.02 7.08 18.43
N VAL A 363 10.56 5.83 18.55
CA VAL A 363 9.14 5.61 18.82
C VAL A 363 8.80 5.76 20.29
N SER A 364 9.79 5.68 21.19
CA SER A 364 9.50 5.91 22.61
C SER A 364 9.29 7.38 22.90
N ASN A 365 10.08 8.26 22.30
CA ASN A 365 9.83 9.70 22.42
C ASN A 365 8.44 10.06 21.91
N TYR A 366 8.00 9.41 20.83
CA TYR A 366 6.66 9.68 20.31
C TYR A 366 5.59 9.10 21.23
N ARG A 367 5.74 7.83 21.64
CA ARG A 367 4.75 7.18 22.49
C ARG A 367 4.51 7.96 23.77
N LYS A 368 5.58 8.51 24.35
CA LYS A 368 5.48 9.30 25.57
C LYS A 368 4.57 10.52 25.38
N GLN A 369 4.61 11.13 24.20
CA GLN A 369 3.87 12.36 23.94
C GLN A 369 2.58 12.15 23.16
N MET A 370 2.27 10.91 22.79
CA MET A 370 1.25 10.67 21.77
C MET A 370 -0.14 11.10 22.23
N ALA A 371 -0.51 10.79 23.47
CA ALA A 371 -1.83 11.19 23.95
C ALA A 371 -1.98 12.70 23.97
N ASP A 372 -0.97 13.43 24.42
CA ASP A 372 -1.03 14.89 24.40
C ASP A 372 -1.05 15.43 22.97
N ALA A 373 -0.32 14.78 22.06
CA ALA A 373 -0.24 15.25 20.68
C ALA A 373 -1.60 15.13 19.99
N PHE A 374 -2.28 14.00 20.19
CA PHE A 374 -3.59 13.83 19.56
C PHE A 374 -4.64 14.70 20.24
N ALA A 375 -4.51 14.92 21.55
CA ALA A 375 -5.44 15.84 22.22
C ALA A 375 -5.30 17.25 21.66
N LEU A 376 -4.07 17.69 21.41
CA LEU A 376 -3.87 18.99 20.78
C LEU A 376 -4.52 19.06 19.41
N TYR A 377 -4.36 18.01 18.61
CA TYR A 377 -4.89 18.02 17.26
C TYR A 377 -6.42 17.95 17.27
N GLU A 378 -7.00 17.16 18.17
CA GLU A 378 -8.46 17.15 18.27
C GLU A 378 -8.99 18.52 18.65
N LYS A 379 -8.31 19.19 19.57
CA LYS A 379 -8.70 20.56 19.94
C LYS A 379 -8.52 21.53 18.78
N SER A 380 -7.60 21.23 17.87
CA SER A 380 -7.25 22.12 16.78
C SER A 380 -7.98 21.79 15.48
N ASN A 381 -9.05 21.00 15.54
CA ASN A 381 -9.85 20.68 14.35
C ASN A 381 -9.03 19.93 13.30
N VAL A 382 -8.14 19.05 13.75
CA VAL A 382 -7.32 18.23 12.85
C VAL A 382 -7.91 16.83 12.79
N SER A 383 -8.24 16.37 11.58
CA SER A 383 -8.88 15.07 11.37
C SER A 383 -7.96 14.02 10.76
N GLN A 384 -6.82 14.42 10.22
CA GLN A 384 -5.91 13.49 9.56
C GLN A 384 -4.48 13.85 9.95
N VAL A 385 -3.66 12.84 10.20
CA VAL A 385 -2.27 13.02 10.61
C VAL A 385 -1.39 12.11 9.78
N LYS A 386 -0.33 12.68 9.22
CA LYS A 386 0.73 11.92 8.57
C LYS A 386 1.80 11.61 9.60
N THR A 387 2.16 10.33 9.75
CA THR A 387 3.20 9.94 10.68
C THR A 387 4.44 9.53 9.90
N GLY A 388 5.58 9.50 10.60
CA GLY A 388 6.84 9.17 9.97
C GLY A 388 7.76 8.44 10.92
N TYR A 389 8.58 7.55 10.36
CA TYR A 389 9.50 6.71 11.13
C TYR A 389 10.84 6.63 10.42
N VAL A 390 11.41 7.79 10.09
CA VAL A 390 12.60 7.82 9.24
C VAL A 390 13.81 7.33 10.02
N ALA A 391 14.34 6.18 9.61
CA ALA A 391 15.55 5.57 10.14
C ALA A 391 15.92 4.43 9.20
N ASP A 392 17.20 4.09 9.15
CA ASP A 392 17.61 2.98 8.30
C ASP A 392 16.99 1.67 8.79
N GLY A 393 17.00 0.68 7.91
CA GLY A 393 16.49 -0.64 8.25
C GLY A 393 17.10 -1.16 9.54
N GLY A 394 16.27 -1.68 10.44
CA GLY A 394 16.76 -2.20 11.69
C GLY A 394 17.15 -1.15 12.71
N ASN A 395 16.85 0.13 12.47
CA ASN A 395 17.28 1.18 13.39
C ASN A 395 16.13 1.98 13.98
N ILE A 396 14.92 1.42 14.06
CA ILE A 396 13.95 1.94 15.01
C ILE A 396 14.62 1.97 16.38
N LYS A 397 14.40 3.06 17.12
CA LYS A 397 14.93 3.19 18.48
C LYS A 397 13.77 3.14 19.48
N ARG A 398 13.83 2.20 20.41
CA ARG A 398 12.95 2.18 21.56
C ARG A 398 13.77 2.17 22.83
N ILE A 399 13.17 2.65 23.93
CA ILE A 399 13.79 2.63 25.25
C ILE A 399 13.06 1.57 26.06
N ASP A 400 13.79 0.58 26.56
CA ASP A 400 13.08 -0.52 27.22
C ASP A 400 12.75 -0.12 28.66
N LYS A 401 12.13 -1.06 29.38
CA LYS A 401 11.62 -0.75 30.72
C LYS A 401 12.71 -0.38 31.70
N ASN A 402 13.96 -0.75 31.42
CA ASN A 402 15.08 -0.39 32.28
C ASN A 402 15.81 0.85 31.80
N GLY A 403 15.26 1.57 30.83
CA GLY A 403 15.89 2.77 30.34
C GLY A 403 17.01 2.53 29.35
N ILE A 404 17.08 1.33 28.76
CA ILE A 404 18.15 0.97 27.84
C ILE A 404 17.63 1.03 26.42
N ALA A 405 18.38 1.68 25.52
CA ALA A 405 17.99 1.75 24.12
C ALA A 405 18.20 0.43 23.40
N ARG A 406 17.22 0.06 22.57
CA ARG A 406 17.29 -1.10 21.69
C ARG A 406 16.96 -0.66 20.28
N HIS A 407 17.58 -1.31 19.31
CA HIS A 407 17.24 -1.11 17.90
C HIS A 407 16.31 -2.22 17.43
N GLU A 408 15.28 -1.85 16.67
CA GLU A 408 14.31 -2.80 16.17
C GLU A 408 14.09 -2.57 14.68
N TRP A 409 13.46 -3.54 14.04
CA TRP A 409 13.03 -3.42 12.66
C TRP A 409 11.66 -2.74 12.58
N HIS A 410 11.43 -2.02 11.47
CA HIS A 410 10.10 -1.47 11.20
C HIS A 410 9.04 -2.55 11.08
N ASP A 411 9.42 -3.79 10.72
CA ASP A 411 8.42 -4.81 10.43
C ASP A 411 8.51 -6.01 11.39
N GLY A 412 9.12 -5.83 12.56
CA GLY A 412 9.04 -6.85 13.60
C GLY A 412 7.75 -6.75 14.39
N GLN A 413 7.53 -7.77 15.24
CA GLN A 413 6.33 -7.79 16.08
C GLN A 413 6.20 -6.53 16.93
N PHE A 414 7.32 -6.04 17.47
CA PHE A 414 7.28 -4.84 18.29
C PHE A 414 6.66 -3.68 17.53
N MET A 415 7.15 -3.42 16.31
CA MET A 415 6.65 -2.25 15.57
C MET A 415 5.27 -2.50 14.98
N VAL A 416 4.99 -3.75 14.56
CA VAL A 416 3.63 -4.09 14.15
C VAL A 416 2.65 -3.63 15.24
N ASN A 417 2.96 -3.94 16.50
CA ASN A 417 2.09 -3.52 17.58
C ASN A 417 2.14 -2.02 17.82
N GLU A 418 3.31 -1.41 17.62
CA GLU A 418 3.43 0.03 17.81
C GLU A 418 2.60 0.82 16.80
N TYR A 419 2.60 0.40 15.53
CA TYR A 419 1.79 1.09 14.54
C TYR A 419 0.31 1.00 14.89
N LEU A 420 -0.16 -0.20 15.25
CA LEU A 420 -1.59 -0.34 15.52
C LEU A 420 -1.99 0.42 16.77
N HIS A 421 -1.10 0.52 17.77
CA HIS A 421 -1.43 1.36 18.93
C HIS A 421 -1.67 2.80 18.51
N ASN A 422 -0.83 3.32 17.61
CA ASN A 422 -0.98 4.68 17.11
C ASN A 422 -2.32 4.85 16.40
N VAL A 423 -2.68 3.88 15.56
CA VAL A 423 -3.92 3.96 14.79
C VAL A 423 -5.13 3.87 15.71
N LYS A 424 -5.10 2.95 16.68
CA LYS A 424 -6.23 2.82 17.60
C LYS A 424 -6.38 4.06 18.48
N LEU A 425 -5.26 4.62 18.94
CA LEU A 425 -5.34 5.84 19.75
C LEU A 425 -5.87 7.01 18.93
N ALA A 426 -5.40 7.14 17.67
CA ALA A 426 -5.92 8.19 16.81
C ALA A 426 -7.43 8.06 16.60
N ALA A 427 -7.93 6.82 16.46
CA ALA A 427 -9.36 6.62 16.25
C ALA A 427 -10.19 7.15 17.40
N LYS A 428 -9.68 7.05 18.63
CA LYS A 428 -10.42 7.60 19.77
C LYS A 428 -10.57 9.11 19.68
N HIS A 429 -9.71 9.77 18.90
CA HIS A 429 -9.79 11.21 18.67
C HIS A 429 -10.44 11.56 17.34
N LYS A 430 -11.04 10.57 16.67
CA LYS A 430 -11.58 10.71 15.31
C LYS A 430 -10.53 11.28 14.36
N ILE A 431 -9.32 10.73 14.45
CA ILE A 431 -8.21 11.10 13.57
C ILE A 431 -7.84 9.89 12.71
N SER A 432 -7.62 10.14 11.43
CA SER A 432 -7.14 9.13 10.49
C SER A 432 -5.65 9.27 10.26
N ILE A 433 -4.99 8.15 9.93
CA ILE A 433 -3.53 8.07 9.93
C ILE A 433 -3.04 7.71 8.53
N ASN A 434 -2.03 8.45 8.07
CA ASN A 434 -1.27 8.19 6.85
C ASN A 434 0.17 7.91 7.28
N THR A 435 0.60 6.65 7.19
CA THR A 435 1.89 6.22 7.78
C THR A 435 2.98 6.21 6.72
N HIS A 436 3.98 7.07 6.86
CA HIS A 436 5.19 6.92 6.08
C HIS A 436 6.22 6.10 6.88
N GLU A 437 7.13 5.45 6.15
CA GLU A 437 7.98 4.38 6.67
C GLU A 437 7.15 3.42 7.53
N PRO A 438 6.14 2.77 6.94
CA PRO A 438 5.18 1.97 7.71
C PRO A 438 5.55 0.50 7.75
N ILE A 439 4.71 -0.29 8.42
CA ILE A 439 4.59 -1.70 8.07
C ILE A 439 3.83 -1.81 6.75
N LYS A 440 4.18 -2.80 5.93
CA LYS A 440 3.43 -3.00 4.69
C LYS A 440 1.95 -3.20 4.97
N ASP A 441 1.12 -2.79 4.00
CA ASP A 441 -0.32 -2.95 4.08
C ASP A 441 -0.70 -4.44 4.02
N THR A 442 -1.50 -4.91 4.98
CA THR A 442 -2.00 -6.28 4.96
C THR A 442 -3.52 -6.33 5.07
N GLY A 443 -4.18 -5.23 4.71
CA GLY A 443 -5.63 -5.17 4.67
C GLY A 443 -6.29 -4.68 5.93
N LEU A 444 -5.55 -4.18 6.92
CA LEU A 444 -6.15 -3.83 8.19
C LEU A 444 -7.07 -2.61 8.10
N ARG A 445 -7.03 -1.86 6.99
CA ARG A 445 -8.01 -0.78 6.80
C ARG A 445 -9.45 -1.30 6.84
N ARG A 446 -9.69 -2.58 6.55
CA ARG A 446 -11.05 -3.10 6.70
C ARG A 446 -11.48 -3.05 8.15
N THR A 447 -10.57 -3.46 9.05
CA THR A 447 -10.86 -3.60 10.47
C THR A 447 -10.79 -2.25 11.18
N TYR A 448 -9.88 -1.39 10.75
CA TYR A 448 -9.65 -0.07 11.34
C TYR A 448 -9.69 0.94 10.20
N PRO A 449 -10.88 1.39 9.81
CA PRO A 449 -11.00 2.21 8.59
C PRO A 449 -10.39 3.60 8.70
N ASN A 450 -9.83 4.00 9.84
CA ASN A 450 -9.10 5.26 9.90
C ASN A 450 -7.64 5.10 9.50
N TRP A 451 -7.18 3.87 9.24
CA TRP A 451 -5.84 3.66 8.70
C TRP A 451 -5.95 3.77 7.18
N ILE A 452 -5.92 5.02 6.70
CA ILE A 452 -6.42 5.28 5.35
C ILE A 452 -5.38 5.01 4.27
N THR A 453 -4.10 5.25 4.54
CA THR A 453 -3.09 5.05 3.50
C THR A 453 -1.72 4.99 4.13
N ARG A 454 -0.71 4.68 3.31
CA ARG A 454 0.66 4.62 3.80
C ARG A 454 1.60 4.75 2.62
N GLU A 455 2.88 4.95 2.92
CA GLU A 455 3.87 4.99 1.85
C GLU A 455 4.44 3.60 1.64
N GLY A 456 5.60 3.30 2.21
CA GLY A 456 6.08 1.92 2.15
C GLY A 456 6.50 1.48 0.76
N ALA A 457 7.13 2.38 0.01
CA ALA A 457 7.61 2.18 -1.35
C ALA A 457 8.18 3.52 -1.79
N ARG A 458 8.92 3.50 -2.90
CA ARG A 458 9.40 4.77 -3.43
C ARG A 458 8.25 5.53 -4.08
N GLY A 459 7.97 6.72 -3.57
CA GLY A 459 7.01 7.62 -4.15
C GLY A 459 7.66 8.82 -4.82
N GLN A 460 6.88 9.88 -4.98
CA GLN A 460 7.33 11.08 -5.68
C GLN A 460 8.58 11.70 -5.07
N GLN A 461 8.74 11.61 -3.74
CA GLN A 461 9.87 12.29 -3.10
C GLN A 461 11.21 11.85 -3.68
N PHE A 462 11.32 10.59 -4.13
CA PHE A 462 12.59 10.16 -4.73
C PHE A 462 12.87 10.85 -6.05
N ASN A 463 11.89 11.51 -6.65
CA ASN A 463 12.12 12.24 -7.89
C ASN A 463 12.65 13.64 -7.63
N ALA A 464 12.74 14.05 -6.37
CA ALA A 464 13.41 15.31 -6.06
C ALA A 464 14.90 15.16 -5.83
N TRP A 465 15.34 14.01 -5.28
CA TRP A 465 16.74 13.86 -4.88
C TRP A 465 17.27 12.44 -4.98
N GLY A 466 16.56 11.51 -5.64
CA GLY A 466 16.88 10.09 -5.50
C GLY A 466 18.29 9.73 -5.95
N THR A 467 18.76 10.35 -7.03
CA THR A 467 20.13 10.16 -7.52
C THR A 467 20.48 8.66 -7.70
N PRO A 468 19.76 7.95 -8.57
CA PRO A 468 18.78 8.45 -9.54
C PRO A 468 17.34 8.53 -9.02
N PRO A 469 16.52 9.30 -9.73
CA PRO A 469 15.07 9.31 -9.44
C PRO A 469 14.43 8.00 -9.86
N ASN A 470 13.12 7.86 -9.64
CA ASN A 470 12.43 6.66 -10.07
C ASN A 470 12.54 6.51 -11.58
N PRO A 471 12.72 5.31 -12.09
CA PRO A 471 12.81 5.11 -13.54
C PRO A 471 11.43 5.14 -14.19
N PRO A 472 11.37 5.31 -15.51
CA PRO A 472 10.08 5.30 -16.20
C PRO A 472 9.19 4.10 -15.88
N GLU A 473 9.78 2.92 -15.67
CA GLU A 473 8.98 1.71 -15.43
C GLU A 473 8.39 1.66 -14.03
N HIS A 474 8.73 2.62 -13.16
CA HIS A 474 8.45 2.45 -11.72
C HIS A 474 6.95 2.30 -11.45
N ILE A 475 6.11 3.16 -12.05
CA ILE A 475 4.67 3.04 -11.77
C ILE A 475 4.14 1.68 -12.21
N SER A 476 4.55 1.22 -13.40
CA SER A 476 4.07 -0.06 -13.91
C SER A 476 4.66 -1.23 -13.14
N MET A 477 5.70 -1.02 -12.33
CA MET A 477 6.09 -2.01 -11.34
C MET A 477 5.20 -1.94 -10.10
N LEU A 478 5.05 -0.74 -9.51
CA LEU A 478 4.23 -0.58 -8.31
C LEU A 478 2.85 -1.20 -8.49
N ALA A 479 2.25 -1.03 -9.68
CA ALA A 479 0.86 -1.43 -9.88
C ALA A 479 0.64 -2.92 -9.67
N PHE A 480 1.67 -3.75 -9.89
CA PHE A 480 1.53 -5.20 -9.74
C PHE A 480 2.35 -5.76 -8.59
N THR A 481 2.88 -4.89 -7.74
CA THR A 481 3.64 -5.34 -6.58
C THR A 481 3.12 -4.60 -5.34
N ARG A 482 3.72 -3.45 -5.02
CA ARG A 482 3.30 -2.65 -3.86
C ARG A 482 1.78 -2.44 -3.83
N MET A 483 1.17 -2.12 -4.97
CA MET A 483 -0.24 -1.75 -4.96
C MET A 483 -1.16 -2.96 -4.72
N LEU A 484 -0.65 -4.19 -4.88
CA LEU A 484 -1.47 -5.34 -4.48
C LEU A 484 -1.72 -5.36 -2.98
N ALA A 485 -0.89 -4.66 -2.20
CA ALA A 485 -1.05 -4.66 -0.75
C ALA A 485 -2.17 -3.73 -0.30
N GLY A 486 -2.42 -2.66 -1.05
CA GLY A 486 -3.41 -1.68 -0.66
C GLY A 486 -3.02 -0.28 -1.07
N PRO A 487 -3.76 0.73 -0.60
CA PRO A 487 -3.54 2.10 -1.09
C PRO A 487 -2.17 2.67 -0.73
N MET A 488 -1.69 3.59 -1.56
CA MET A 488 -0.39 4.22 -1.36
C MET A 488 -0.51 5.73 -1.50
N ASP A 489 0.10 6.45 -0.56
CA ASP A 489 0.29 7.91 -0.63
C ASP A 489 1.54 8.17 -1.48
N PHE A 490 1.34 8.20 -2.81
CA PHE A 490 2.45 8.41 -3.74
C PHE A 490 2.83 9.88 -3.87
N THR A 491 1.91 10.79 -3.54
CA THR A 491 1.95 12.25 -3.77
C THR A 491 2.18 12.52 -5.26
N PRO A 492 1.17 12.24 -6.09
CA PRO A 492 1.29 12.51 -7.53
C PRO A 492 1.14 13.99 -7.85
N GLY A 493 1.25 14.32 -9.15
CA GLY A 493 0.85 15.63 -9.62
C GLY A 493 1.93 16.70 -9.68
N ILE A 494 3.16 16.34 -10.02
CA ILE A 494 4.19 17.37 -10.21
C ILE A 494 4.03 17.96 -11.60
N PHE A 495 3.80 19.27 -11.66
CA PHE A 495 3.62 19.99 -12.92
C PHE A 495 4.89 20.68 -13.40
N ASP A 496 5.74 21.15 -12.50
CA ASP A 496 7.05 21.69 -12.89
C ASP A 496 8.05 20.55 -12.77
N LEU A 497 8.40 19.97 -13.92
CA LEU A 497 9.35 18.87 -14.00
C LEU A 497 10.77 19.34 -14.24
N SER A 498 10.98 20.66 -14.27
CA SER A 498 12.21 21.26 -14.80
C SER A 498 13.09 21.89 -13.73
N PHE A 499 12.77 21.70 -12.44
CA PHE A 499 13.46 22.44 -11.38
C PHE A 499 14.94 22.07 -11.27
N ASN A 500 15.35 20.90 -11.75
CA ASN A 500 16.76 20.53 -11.83
C ASN A 500 17.24 20.44 -13.27
N GLY A 501 16.46 20.92 -14.22
CA GLY A 501 16.81 20.75 -15.63
C GLY A 501 16.17 19.52 -16.24
N LEU A 502 15.92 19.59 -17.54
CA LEU A 502 15.30 18.47 -18.24
C LEU A 502 16.37 17.46 -18.63
N GLY A 503 16.02 16.50 -19.49
CA GLY A 503 16.95 15.45 -19.86
C GLY A 503 16.82 14.24 -18.97
N ALA A 504 17.66 13.25 -19.24
CA ALA A 504 17.56 11.96 -18.57
C ALA A 504 18.52 11.80 -17.39
N ASN A 505 19.32 12.82 -17.08
CA ASN A 505 20.39 12.68 -16.10
C ASN A 505 20.23 13.61 -14.90
N THR A 506 19.02 14.08 -14.64
CA THR A 506 18.76 14.98 -13.53
C THR A 506 17.75 14.34 -12.57
N ASN A 507 17.70 14.85 -11.34
CA ASN A 507 16.67 14.43 -10.39
C ASN A 507 15.37 15.15 -10.73
N ARG A 508 14.41 14.41 -11.27
CA ARG A 508 13.10 14.90 -11.66
C ARG A 508 12.21 13.68 -11.86
N PRO A 509 10.88 13.84 -11.82
CA PRO A 509 10.03 12.74 -12.28
C PRO A 509 10.36 12.46 -13.74
N GLN A 510 10.68 11.19 -14.03
CA GLN A 510 11.08 10.82 -15.39
C GLN A 510 9.84 10.37 -16.16
N THR A 511 8.93 11.34 -16.35
CA THR A 511 7.62 11.11 -16.93
C THR A 511 7.22 12.33 -17.74
N THR A 512 6.14 12.18 -18.50
CA THR A 512 5.48 13.31 -19.14
C THR A 512 4.48 13.93 -18.16
N LEU A 513 3.94 15.08 -18.56
CA LEU A 513 2.91 15.75 -17.77
C LEU A 513 1.64 14.90 -17.69
N ALA A 514 1.22 14.32 -18.82
CA ALA A 514 -0.02 13.53 -18.78
C ALA A 514 0.12 12.31 -17.89
N LYS A 515 1.32 11.75 -17.79
CA LYS A 515 1.51 10.62 -16.86
C LYS A 515 1.27 11.05 -15.42
N GLN A 516 1.63 12.29 -15.08
CA GLN A 516 1.35 12.78 -13.73
C GLN A 516 -0.15 12.86 -13.44
N LEU A 517 -0.95 13.20 -14.46
CA LEU A 517 -2.40 13.21 -14.29
C LEU A 517 -2.95 11.79 -14.15
N ALA A 518 -2.42 10.86 -14.94
CA ALA A 518 -2.93 9.49 -14.93
C ALA A 518 -2.76 8.84 -13.57
N LEU A 519 -1.78 9.28 -12.78
CA LEU A 519 -1.52 8.66 -11.48
C LEU A 519 -2.73 8.72 -10.56
N TYR A 520 -3.59 9.75 -10.71
CA TYR A 520 -4.76 9.88 -9.84
C TYR A 520 -5.76 8.76 -10.05
N VAL A 521 -5.72 8.07 -11.18
CA VAL A 521 -6.56 6.92 -11.41
C VAL A 521 -5.79 5.61 -11.33
N VAL A 522 -4.50 5.61 -11.68
CA VAL A 522 -3.74 4.34 -11.67
C VAL A 522 -3.42 3.89 -10.25
N LEU A 523 -3.01 4.81 -9.37
CA LEU A 523 -2.55 4.46 -8.02
C LEU A 523 -3.63 4.83 -7.01
N TYR A 524 -4.32 3.82 -6.47
CA TYR A 524 -5.43 4.11 -5.58
C TYR A 524 -4.94 4.61 -4.22
N SER A 525 -5.59 5.67 -3.71
CA SER A 525 -5.46 6.09 -2.32
C SER A 525 -6.69 6.92 -1.96
N PRO A 526 -7.28 6.73 -0.78
CA PRO A 526 -8.45 7.55 -0.40
C PRO A 526 -8.09 9.01 -0.21
N ILE A 527 -6.83 9.33 0.07
CA ILE A 527 -6.37 10.71 0.00
C ILE A 527 -5.30 10.80 -1.07
N GLN A 528 -5.41 11.81 -1.93
CA GLN A 528 -4.47 12.02 -3.03
C GLN A 528 -3.90 13.41 -2.89
N MET A 529 -2.58 13.52 -2.87
CA MET A 529 -1.97 14.84 -2.81
C MET A 529 -1.87 15.42 -4.21
N ALA A 530 -2.10 16.72 -4.32
CA ALA A 530 -1.55 17.50 -5.42
C ALA A 530 -0.24 18.06 -4.86
N ALA A 531 0.88 17.39 -5.20
CA ALA A 531 2.12 17.55 -4.46
C ALA A 531 2.89 18.83 -4.80
N ASP A 532 2.59 19.49 -5.90
CA ASP A 532 3.46 20.57 -6.36
C ASP A 532 3.19 21.87 -5.60
N LEU A 533 4.07 22.84 -5.82
CA LEU A 533 3.84 24.18 -5.31
C LEU A 533 2.60 24.77 -5.98
N PRO A 534 1.75 25.50 -5.24
CA PRO A 534 0.55 26.09 -5.87
C PRO A 534 0.83 26.89 -7.13
N LYS A 535 1.91 27.67 -7.18
CA LYS A 535 2.17 28.49 -8.36
C LYS A 535 2.36 27.62 -9.60
N ASN A 536 2.82 26.39 -9.44
CA ASN A 536 3.03 25.55 -10.62
C ASN A 536 1.72 25.01 -11.17
N TYR A 537 0.70 24.87 -10.32
CA TYR A 537 -0.64 24.56 -10.80
C TYR A 537 -1.28 25.76 -11.48
N LEU A 538 -1.10 26.96 -10.90
CA LEU A 538 -1.63 28.17 -11.52
C LEU A 538 -1.04 28.42 -12.89
N ALA A 539 0.14 27.89 -13.17
CA ALA A 539 0.77 28.05 -14.47
C ALA A 539 0.15 27.15 -15.53
N LYS A 540 -0.59 26.11 -15.14
CA LYS A 540 -1.15 25.14 -16.08
C LYS A 540 -2.61 24.85 -15.73
N PRO A 541 -3.48 25.84 -15.86
CA PRO A 541 -4.87 25.64 -15.38
C PRO A 541 -5.64 24.58 -16.15
N ASP A 542 -5.38 24.41 -17.44
CA ASP A 542 -6.13 23.41 -18.20
C ASP A 542 -5.80 22.01 -17.71
N ALA A 543 -4.51 21.69 -17.57
CA ALA A 543 -4.13 20.39 -17.00
C ALA A 543 -4.61 20.25 -15.56
N PHE A 544 -4.56 21.34 -14.80
CA PHE A 544 -4.96 21.30 -13.40
C PHE A 544 -6.43 20.94 -13.22
N GLN A 545 -7.26 21.24 -14.22
CA GLN A 545 -8.68 20.91 -14.12
C GLN A 545 -8.91 19.43 -13.86
N PHE A 546 -8.06 18.55 -14.40
CA PHE A 546 -8.27 17.13 -14.15
C PHE A 546 -8.11 16.81 -12.68
N ILE A 547 -7.08 17.38 -12.04
CA ILE A 547 -6.87 17.16 -10.61
C ILE A 547 -8.03 17.73 -9.80
N GLN A 548 -8.55 18.89 -10.21
CA GLN A 548 -9.71 19.45 -9.51
C GLN A 548 -10.92 18.54 -9.64
N ASP A 549 -11.08 17.88 -10.79
CA ASP A 549 -12.27 17.06 -11.03
C ASP A 549 -12.19 15.69 -10.37
N VAL A 550 -11.01 15.10 -10.28
CA VAL A 550 -10.93 13.65 -10.06
C VAL A 550 -11.30 13.31 -8.62
N PRO A 551 -12.14 12.30 -8.38
CA PRO A 551 -12.43 11.86 -7.02
C PRO A 551 -11.33 10.94 -6.50
N THR A 552 -11.48 10.52 -5.24
CA THR A 552 -10.53 9.60 -4.61
C THR A 552 -11.25 8.42 -3.97
N ASP A 553 -12.54 8.27 -4.23
CA ASP A 553 -13.35 7.23 -3.61
C ASP A 553 -14.25 6.65 -4.69
N TRP A 554 -14.28 5.32 -4.80
CA TRP A 554 -14.78 4.66 -6.00
C TRP A 554 -15.81 3.60 -5.66
N GLN A 555 -16.88 3.54 -6.43
CA GLN A 555 -17.81 2.43 -6.22
C GLN A 555 -17.39 1.18 -6.97
N GLN A 556 -16.57 1.32 -8.02
CA GLN A 556 -16.01 0.17 -8.71
C GLN A 556 -14.68 0.55 -9.34
N SER A 557 -13.79 -0.44 -9.44
CA SER A 557 -12.48 -0.28 -10.08
C SER A 557 -12.23 -1.52 -10.93
N ILE A 558 -11.60 -1.33 -12.10
CA ILE A 558 -11.26 -2.44 -12.99
C ILE A 558 -9.93 -2.13 -13.63
N ALA A 559 -8.94 -2.99 -13.41
CA ALA A 559 -7.72 -2.94 -14.23
C ALA A 559 -8.06 -3.62 -15.56
N LEU A 560 -8.08 -2.83 -16.63
CA LEU A 560 -8.55 -3.32 -17.92
C LEU A 560 -7.48 -4.11 -18.66
N ASP A 561 -6.22 -3.75 -18.50
CA ASP A 561 -5.14 -4.36 -19.27
C ASP A 561 -3.84 -3.94 -18.62
N GLY A 562 -2.76 -4.65 -18.94
CA GLY A 562 -1.48 -4.31 -18.36
C GLY A 562 -0.52 -5.47 -18.36
N ALA A 563 0.73 -5.13 -18.06
CA ALA A 563 1.81 -6.11 -17.98
C ALA A 563 2.84 -5.58 -16.99
N VAL A 564 3.34 -6.46 -16.11
CA VAL A 564 4.20 -5.98 -15.02
C VAL A 564 5.43 -5.30 -15.59
N GLY A 565 5.70 -4.08 -15.11
CA GLY A 565 6.86 -3.34 -15.54
C GLY A 565 6.76 -2.76 -16.94
N ASP A 566 5.58 -2.83 -17.57
CA ASP A 566 5.37 -2.27 -18.90
C ASP A 566 4.24 -1.26 -18.93
N PHE A 567 3.02 -1.61 -18.49
CA PHE A 567 1.92 -0.64 -18.56
C PHE A 567 0.76 -1.14 -17.72
N ILE A 568 -0.16 -0.21 -17.41
CA ILE A 568 -1.40 -0.56 -16.72
C ILE A 568 -2.47 0.43 -17.16
N VAL A 569 -3.71 -0.05 -17.28
CA VAL A 569 -4.88 0.77 -17.61
C VAL A 569 -5.95 0.48 -16.58
N PHE A 570 -6.40 1.52 -15.87
CA PHE A 570 -7.46 1.40 -14.86
C PHE A 570 -8.68 2.19 -15.28
N ALA A 571 -9.86 1.62 -15.06
CA ALA A 571 -11.12 2.37 -15.13
C ALA A 571 -11.81 2.28 -13.77
N ARG A 572 -12.33 3.41 -13.30
CA ARG A 572 -12.96 3.44 -11.98
C ARG A 572 -14.20 4.31 -12.05
N LYS A 573 -15.25 3.87 -11.37
CA LYS A 573 -16.51 4.61 -11.30
C LYS A 573 -16.59 5.30 -9.96
N GLU A 574 -16.86 6.61 -9.97
CA GLU A 574 -16.82 7.38 -8.73
C GLU A 574 -17.94 6.94 -7.79
N ARG A 575 -17.63 6.98 -6.49
CA ARG A 575 -18.65 6.74 -5.48
C ARG A 575 -19.48 7.98 -5.25
N LYS A 576 -20.79 7.80 -5.06
CA LYS A 576 -21.67 8.92 -4.74
C LYS A 576 -21.38 9.39 -3.32
N ARG A 577 -20.83 10.60 -3.21
N ARG A 577 -20.83 10.60 -3.21
CA ARG A 577 -20.41 11.17 -1.93
CA ARG A 577 -20.39 11.18 -1.94
C ARG A 577 -19.99 12.61 -2.19
C ARG A 577 -20.00 12.62 -2.21
N ASP A 578 -20.32 13.50 -1.25
CA ASP A 578 -19.96 14.92 -1.35
C ASP A 578 -20.43 15.50 -2.68
N LYS A 579 -19.51 16.06 -3.47
CA LYS A 579 -19.91 16.69 -4.72
C LYS A 579 -20.06 15.69 -5.87
N TYR A 580 -19.70 14.44 -5.67
CA TYR A 580 -19.72 13.45 -6.75
C TYR A 580 -21.05 12.74 -6.81
N THR A 581 -21.68 12.75 -7.99
CA THR A 581 -23.00 12.16 -8.17
C THR A 581 -22.96 10.63 -8.18
N GLY A 582 -21.80 10.04 -8.46
CA GLY A 582 -21.72 8.61 -8.65
C GLY A 582 -21.90 8.17 -10.08
N ASN A 583 -22.08 9.10 -11.03
CA ASN A 583 -22.34 8.74 -12.41
C ASN A 583 -21.10 8.76 -13.30
N ASP A 584 -20.03 9.46 -12.92
CA ASP A 584 -18.89 9.59 -13.80
C ASP A 584 -17.92 8.42 -13.64
N TRP A 585 -17.33 8.01 -14.77
CA TRP A 585 -16.20 7.11 -14.80
C TRP A 585 -14.91 7.89 -15.07
N TYR A 586 -13.79 7.30 -14.65
CA TYR A 586 -12.47 7.86 -14.87
C TYR A 586 -11.54 6.76 -15.37
N LEU A 587 -10.55 7.14 -16.18
CA LEU A 587 -9.56 6.19 -16.65
C LEU A 587 -8.18 6.80 -16.52
N GLY A 588 -7.21 5.96 -16.17
CA GLY A 588 -5.82 6.36 -16.18
C GLY A 588 -4.99 5.24 -16.78
N ALA A 589 -4.00 5.59 -17.59
CA ALA A 589 -3.09 4.60 -18.15
C ALA A 589 -1.68 5.18 -18.09
N VAL A 590 -0.69 4.33 -17.80
CA VAL A 590 0.71 4.75 -17.86
C VAL A 590 1.51 3.64 -18.53
N THR A 591 2.65 4.04 -19.09
CA THR A 591 3.61 3.11 -19.67
C THR A 591 4.96 3.26 -18.97
N ASP A 592 5.91 2.43 -19.39
CA ASP A 592 7.27 2.44 -18.87
C ASP A 592 8.16 3.32 -19.78
N GLU A 593 9.41 2.93 -20.00
CA GLU A 593 10.29 3.72 -20.86
C GLU A 593 9.89 3.69 -22.33
N GLN A 594 9.02 2.77 -22.73
CA GLN A 594 8.64 2.63 -24.13
C GLN A 594 7.33 3.36 -24.41
N ALA A 595 7.26 4.03 -25.58
CA ALA A 595 5.97 4.46 -26.08
C ALA A 595 5.13 3.24 -26.41
N ARG A 596 3.83 3.31 -26.14
CA ARG A 596 2.97 2.14 -26.32
C ARG A 596 1.60 2.57 -26.83
N THR A 597 1.03 1.78 -27.74
CA THR A 597 -0.33 1.94 -28.24
C THR A 597 -1.19 0.84 -27.64
N ILE A 598 -2.29 1.23 -27.01
CA ILE A 598 -3.17 0.29 -26.31
C ILE A 598 -4.60 0.50 -26.79
N GLU A 599 -5.22 -0.57 -27.30
CA GLU A 599 -6.62 -0.51 -27.72
C GLU A 599 -7.51 -0.90 -26.55
N ILE A 600 -8.51 -0.05 -26.26
CA ILE A 600 -9.38 -0.21 -25.11
C ILE A 600 -10.82 -0.18 -25.57
N SER A 601 -11.62 -1.13 -25.08
CA SER A 601 -13.07 -1.04 -25.23
C SER A 601 -13.65 -0.17 -24.11
N LEU A 602 -14.65 0.63 -24.44
CA LEU A 602 -15.32 1.44 -23.44
C LEU A 602 -16.55 0.75 -22.87
N ASP A 603 -16.64 -0.58 -22.97
CA ASP A 603 -17.86 -1.26 -22.53
C ASP A 603 -17.98 -1.35 -21.02
N PHE A 604 -17.04 -0.78 -20.26
CA PHE A 604 -17.25 -0.60 -18.83
C PHE A 604 -18.25 0.51 -18.53
N LEU A 605 -18.46 1.43 -19.47
CA LEU A 605 -19.42 2.50 -19.28
C LEU A 605 -20.84 1.93 -19.16
N ASP A 606 -21.67 2.60 -18.37
CA ASP A 606 -23.04 2.14 -18.15
C ASP A 606 -23.81 2.06 -19.46
N ASN A 607 -24.51 0.95 -19.65
N ASN A 607 -24.50 0.95 -19.66
CA ASN A 607 -25.31 0.75 -20.85
CA ASN A 607 -25.28 0.77 -20.88
C ASN A 607 -26.40 1.81 -20.97
C ASN A 607 -26.38 1.81 -20.97
N GLY A 608 -26.62 2.29 -22.19
CA GLY A 608 -27.69 3.22 -22.45
C GLY A 608 -27.47 4.65 -22.00
N LYS A 609 -26.26 5.00 -21.58
CA LYS A 609 -25.97 6.36 -21.17
C LYS A 609 -24.94 6.98 -22.10
N GLN A 610 -25.03 8.29 -22.28
CA GLN A 610 -24.04 9.02 -23.06
C GLN A 610 -23.07 9.72 -22.12
N PHE A 611 -21.79 9.72 -22.50
CA PHE A 611 -20.75 10.37 -21.72
C PHE A 611 -20.00 11.36 -22.61
N GLU A 612 -19.49 12.41 -21.99
CA GLU A 612 -18.54 13.30 -22.64
C GLU A 612 -17.18 12.99 -22.05
N ALA A 613 -16.32 12.36 -22.86
CA ALA A 613 -14.97 12.06 -22.43
C ALA A 613 -14.12 13.32 -22.49
N HIS A 614 -13.47 13.65 -21.39
N HIS A 614 -13.53 13.70 -21.36
CA HIS A 614 -12.51 14.75 -21.32
CA HIS A 614 -12.50 14.75 -21.29
C HIS A 614 -11.13 14.10 -21.25
C HIS A 614 -11.16 14.02 -21.27
N ILE A 615 -10.43 14.05 -22.39
CA ILE A 615 -9.25 13.23 -22.56
C ILE A 615 -8.00 14.10 -22.41
N TYR A 616 -7.15 13.76 -21.44
CA TYR A 616 -5.87 14.44 -21.21
C TYR A 616 -4.78 13.45 -21.63
N LYS A 617 -4.11 13.73 -22.75
CA LYS A 617 -3.18 12.74 -23.29
C LYS A 617 -1.88 13.40 -23.73
N ASP A 618 -0.87 12.57 -23.93
CA ASP A 618 0.40 13.05 -24.45
C ASP A 618 0.19 13.70 -25.81
N GLY A 619 0.82 14.86 -26.00
CA GLY A 619 0.80 15.49 -27.30
C GLY A 619 1.56 14.69 -28.33
N LYS A 620 1.31 15.05 -29.59
CA LYS A 620 1.89 14.39 -30.75
C LYS A 620 3.39 14.10 -30.61
N ASN A 621 4.16 15.10 -30.18
CA ASN A 621 5.61 14.98 -30.11
C ASN A 621 6.12 14.79 -28.69
N ALA A 622 5.24 14.45 -27.75
CA ALA A 622 5.67 14.32 -26.36
C ALA A 622 6.69 13.19 -26.23
N GLU A 623 7.61 13.36 -25.29
CA GLU A 623 8.71 12.45 -25.08
C GLU A 623 9.33 12.83 -23.74
N TRP A 624 9.48 11.91 -22.78
CA TRP A 624 9.70 12.38 -21.40
C TRP A 624 11.02 13.12 -21.20
N LYS A 625 12.07 12.82 -21.98
CA LYS A 625 13.38 13.36 -21.63
C LYS A 625 13.44 14.87 -21.85
N ASN A 626 13.12 15.32 -23.06
CA ASN A 626 13.25 16.73 -23.37
C ASN A 626 11.96 17.38 -23.85
N ASN A 627 10.86 16.62 -24.00
CA ASN A 627 9.60 17.23 -24.37
C ASN A 627 8.46 16.68 -23.51
N PRO A 628 8.56 16.74 -22.17
CA PRO A 628 7.55 16.08 -21.35
C PRO A 628 6.23 16.84 -21.25
N TYR A 629 6.19 18.11 -21.64
CA TYR A 629 5.00 18.90 -21.36
C TYR A 629 3.97 18.89 -22.49
N ASP A 630 4.31 18.43 -23.69
CA ASP A 630 3.35 18.46 -24.79
C ASP A 630 2.11 17.69 -24.38
N LEU A 631 0.96 18.36 -24.44
CA LEU A 631 -0.28 17.82 -23.90
C LEU A 631 -1.42 18.15 -24.85
N THR A 632 -2.32 17.20 -25.03
CA THR A 632 -3.54 17.43 -25.80
C THR A 632 -4.74 17.14 -24.90
N ILE A 633 -5.70 18.06 -24.88
CA ILE A 633 -6.93 17.88 -24.12
C ILE A 633 -8.09 17.95 -25.10
N GLU A 634 -8.89 16.90 -25.17
CA GLU A 634 -10.00 16.96 -26.10
C GLU A 634 -11.25 16.37 -25.49
N LYS A 635 -12.38 16.80 -26.04
CA LYS A 635 -13.69 16.33 -25.59
C LYS A 635 -14.33 15.53 -26.71
N ARG A 636 -14.91 14.39 -26.35
CA ARG A 636 -15.45 13.43 -27.31
C ARG A 636 -16.68 12.79 -26.69
N LEU A 637 -17.79 12.77 -27.42
CA LEU A 637 -18.97 12.04 -26.97
C LEU A 637 -18.76 10.55 -27.21
N VAL A 638 -19.00 9.73 -26.19
CA VAL A 638 -18.81 8.29 -26.27
C VAL A 638 -19.93 7.56 -25.53
N THR A 639 -20.11 6.29 -25.89
CA THR A 639 -20.97 5.36 -25.16
C THR A 639 -20.22 4.04 -25.00
N ALA A 640 -20.87 3.09 -24.31
CA ALA A 640 -20.25 1.80 -24.04
C ALA A 640 -19.90 1.03 -25.30
N SER A 641 -20.52 1.35 -26.44
CA SER A 641 -20.20 0.61 -27.65
C SER A 641 -18.95 1.12 -28.36
N ASP A 642 -18.31 2.17 -27.85
CA ASP A 642 -17.17 2.77 -28.51
C ASP A 642 -15.85 2.10 -28.09
N LYS A 643 -14.79 2.42 -28.84
CA LYS A 643 -13.43 2.00 -28.54
C LYS A 643 -12.55 3.23 -28.45
N LEU A 644 -11.39 3.05 -27.83
CA LEU A 644 -10.42 4.12 -27.70
C LEU A 644 -9.04 3.56 -27.98
N THR A 645 -8.23 4.32 -28.71
CA THR A 645 -6.83 3.98 -28.90
C THR A 645 -5.99 4.90 -28.02
N LEU A 646 -5.32 4.33 -27.02
CA LEU A 646 -4.40 5.08 -26.19
C LEU A 646 -3.04 5.11 -26.86
N LYS A 647 -2.49 6.31 -27.02
CA LYS A 647 -1.14 6.46 -27.56
C LYS A 647 -0.28 7.12 -26.48
N LEU A 648 0.46 6.29 -25.76
CA LEU A 648 1.27 6.76 -24.65
C LEU A 648 2.68 7.07 -25.14
N ALA A 649 3.17 8.28 -24.81
CA ALA A 649 4.55 8.63 -25.12
C ALA A 649 5.50 7.83 -24.24
N THR A 650 6.81 7.97 -24.51
CA THR A 650 7.79 7.38 -23.60
C THR A 650 7.58 7.93 -22.19
N SER A 651 7.51 7.03 -21.22
CA SER A 651 7.09 7.33 -19.84
C SER A 651 5.91 8.30 -19.82
N GLY A 652 4.91 7.99 -20.65
CA GLY A 652 3.73 8.81 -20.80
C GLY A 652 2.49 8.18 -20.17
N GLY A 653 1.36 8.82 -20.44
CA GLY A 653 0.13 8.38 -19.81
C GLY A 653 -1.06 9.13 -20.39
N THR A 654 -2.25 8.70 -19.99
CA THR A 654 -3.49 9.35 -20.37
C THR A 654 -4.44 9.30 -19.20
N ALA A 655 -5.16 10.39 -18.99
CA ALA A 655 -6.18 10.49 -17.94
C ALA A 655 -7.47 10.96 -18.59
N ILE A 656 -8.59 10.30 -18.25
CA ILE A 656 -9.86 10.63 -18.87
C ILE A 656 -10.93 10.78 -17.79
N ARG A 657 -11.73 11.84 -17.90
CA ARG A 657 -12.99 11.94 -17.19
C ARG A 657 -14.10 11.63 -18.18
N PHE A 658 -14.91 10.61 -17.87
CA PHE A 658 -16.13 10.31 -18.64
C PHE A 658 -17.28 10.94 -17.88
N LYS A 659 -17.70 12.12 -18.33
CA LYS A 659 -18.75 12.87 -17.65
C LYS A 659 -20.11 12.38 -18.14
N ALA A 660 -20.90 11.80 -17.23
CA ALA A 660 -22.24 11.35 -17.59
C ALA A 660 -23.10 12.55 -17.98
N LEU A 661 -23.83 12.41 -19.08
CA LEU A 661 -24.72 13.47 -19.55
C LEU A 661 -26.15 13.12 -19.18
N LEU A 662 -26.89 14.09 -18.66
CA LEU A 662 -28.24 13.87 -18.15
C LEU A 662 -29.31 14.13 -19.22
#